data_9BBG
#
_entry.id   9BBG
#
_cell.length_a   63.139
_cell.length_b   125.747
_cell.length_c   169.512
_cell.angle_alpha   90.00
_cell.angle_beta   90.00
_cell.angle_gamma   90.00
#
_symmetry.space_group_name_H-M   'P 21 21 21'
#
loop_
_entity.id
_entity.type
_entity.pdbx_description
1 polymer 'DNA damage-binding protein 1'
2 non-polymer 'L(+)-TARTARIC ACID'
3 non-polymer 1H-indol-6-amine
4 non-polymer 1,2-ETHANEDIOL
5 non-polymer 'UNKNOWN ATOM OR ION'
6 water water
#
_entity_poly.entity_id   1
_entity_poly.type   'polypeptide(L)'
_entity_poly.pdbx_seq_one_letter_code
;GSMSYNYVVTAQKPTAVNGCVTGHFTSAEDLNLLIAKNTRLEIYVVTAEGLRPVKEVGMYGKIAVMELFRPKGESKDLLF
ILTAKYNACILEYKQSGESIDIITRAHGNVQDRIGRPSETGIIGIIDPECRMIGLRLYDGLFKVIPLDRDNKELKAFNIR
LEELHVIDVKFLYGCQAPTICFVYQDPQGRHVKTYEVSLREKEFNKGPWKQENVEAEASMVIAVPEPFGGAIIIGQESIT
YHNGDKYLAIAPPIIKQSTIVCHNRVDPNGSRYLLGDMEGRLFMLLLEKEEQMDGTVTLKDLRVELLGETSIAECLTYLD
NGVVFVGSRLGDSQLVKLNVDSNEQGSYVVAMETFTNLGPIVDMCVVDLERQGQGQLVTCSGAFKEGSLRIIRNGIGIHE
HASIDLPGIKGLWPLRSDPNRETDDTLVLSFVGQTRVLMLNGEEVEETELMGFVDDQQTFFCGNVAHQQLIQITSASVRL
VSQEPKALVSEWKEPQAKNISVASCNSSQVVVAVGRALYYLQIHPQELRQISHTEMEHEVACLDITPLGDSNGLSPLCAI
GLWTDISARILKLPSFELLHKEMLGGEIIPRSILMTTFESSHYLLCALGDGALFYFGLNIETGLLSDRKKVTLGTQPTVL
RTFRSLSTTNVFACSDRPTVIYSSNHKLVFSNVNLKEVNYMCPLNSDGYPDSLALANNSTLTIGTIDEIQKLHIRTVPLY
ESPRKICYQEVSQCFGVLSSRIEVQDTSGGTTALRPSASTQALSSSVSSSKLFSSSTAPHETSFGEEVEVHNLLIIDQHT
FEVLHAHQFLQNEYALSLVSCKLGKDPNTYFIVGTAMVYPEEAEPKQGRIVVFQYSDGKLQTVAEKEVKGAVYSMVEFNG
KLLASINSTVRLYEWTTEKELRTECNHYNNIMALYLKTKGDFILVGDLMRSVLLLAYKPMEGNFEEIARDFNPNWMSAVE
ILDDDNFLGAENAFNLFVCQKDSAATTDEERQHLQEVGLFHLGEFVNVFCHGSLVMQNLGETSTPTQGSVLFGTVNGMIG
LVTSLSESWYNLLLDMQNRLNKVIKSVGKIEHSFWRSFHTERKTEPATGFIDGDLIESFLDISRPKMQEVVANLQYDDGS
GMKREATADDLIKVVEELTRIH
;
_entity_poly.pdbx_strand_id   A
#
# COMPACT_ATOMS: atom_id res chain seq x y z
N MET A 3 29.11 13.53 -1.25
CA MET A 3 29.94 12.78 -0.28
C MET A 3 29.26 11.46 0.11
N SER A 4 27.91 11.47 0.27
CA SER A 4 27.11 10.24 0.47
C SER A 4 26.05 10.12 -0.62
N TYR A 5 25.84 8.90 -1.13
CA TYR A 5 24.92 8.72 -2.23
C TYR A 5 23.95 7.60 -1.86
N ASN A 6 22.67 7.97 -1.68
CA ASN A 6 21.67 7.02 -1.26
C ASN A 6 20.42 7.13 -2.13
N TYR A 7 19.72 6.01 -2.25
CA TYR A 7 18.52 5.87 -3.03
C TYR A 7 17.42 5.36 -2.11
N VAL A 8 16.25 5.99 -2.14
CA VAL A 8 15.19 5.60 -1.25
C VAL A 8 13.96 5.34 -2.09
N VAL A 9 13.27 4.24 -1.85
CA VAL A 9 12.14 3.86 -2.68
C VAL A 9 11.08 3.16 -1.84
N THR A 10 9.82 3.30 -2.27
CA THR A 10 8.69 2.68 -1.59
C THR A 10 8.56 1.20 -1.98
N ALA A 11 8.50 0.33 -0.98
CA ALA A 11 8.21 -1.07 -1.20
C ALA A 11 6.72 -1.37 -1.00
N GLN A 12 6.10 -0.68 -0.03
CA GLN A 12 4.67 -0.73 0.20
C GLN A 12 4.21 0.68 0.52
N LYS A 13 3.25 1.16 -0.29
CA LYS A 13 2.66 2.45 -0.09
C LYS A 13 1.95 2.50 1.25
N PRO A 14 1.79 3.69 1.83
CA PRO A 14 1.07 3.79 3.11
C PRO A 14 -0.33 3.22 2.99
N THR A 15 -0.78 2.54 4.06
CA THR A 15 -2.07 1.86 4.08
C THR A 15 -3.05 2.49 5.09
N ALA A 16 -2.55 3.31 6.02
CA ALA A 16 -3.40 3.94 7.04
C ALA A 16 -4.27 4.99 6.38
N VAL A 17 -5.53 5.08 6.82
CA VAL A 17 -6.42 6.11 6.28
C VAL A 17 -6.38 7.34 7.18
N ASN A 18 -5.96 8.49 6.59
CA ASN A 18 -5.80 9.72 7.32
C ASN A 18 -7.05 10.60 7.17
N GLY A 19 -7.85 10.38 6.11
CA GLY A 19 -9.13 11.06 5.98
C GLY A 19 -9.92 10.56 4.79
N CYS A 20 -11.22 10.90 4.78
CA CYS A 20 -12.12 10.37 3.77
C CYS A 20 -13.19 11.43 3.56
N VAL A 21 -13.61 11.66 2.30
CA VAL A 21 -14.78 12.50 2.02
C VAL A 21 -15.62 11.87 0.92
N THR A 22 -16.92 12.23 0.89
CA THR A 22 -17.80 11.79 -0.18
C THR A 22 -18.37 13.03 -0.87
N GLY A 23 -18.69 12.87 -2.15
CA GLY A 23 -19.37 13.88 -2.93
C GLY A 23 -19.39 13.49 -4.40
N HIS A 24 -19.55 14.50 -5.26
CA HIS A 24 -19.74 14.28 -6.68
C HIS A 24 -18.60 14.95 -7.43
N PHE A 25 -17.44 14.28 -7.45
CA PHE A 25 -16.22 14.81 -8.01
C PHE A 25 -16.01 14.38 -9.47
N THR A 26 -16.20 13.09 -9.76
CA THR A 26 -15.83 12.57 -11.07
C THR A 26 -16.91 12.95 -12.09
N SER A 27 -18.15 13.05 -11.62
CA SER A 27 -19.27 13.58 -12.40
C SER A 27 -20.37 14.01 -11.45
N ALA A 28 -21.33 14.82 -11.95
CA ALA A 28 -22.45 15.28 -11.12
C ALA A 28 -23.28 14.10 -10.62
N GLU A 29 -23.28 13.01 -11.39
CA GLU A 29 -24.18 11.89 -11.14
C GLU A 29 -23.50 10.80 -10.31
N ASP A 30 -22.16 10.78 -10.26
CA ASP A 30 -21.45 9.75 -9.51
C ASP A 30 -21.44 10.11 -8.01
N LEU A 31 -21.59 9.09 -7.15
CA LEU A 31 -21.23 9.26 -5.74
C LEU A 31 -19.81 8.74 -5.58
N ASN A 32 -18.91 9.63 -5.12
CA ASN A 32 -17.52 9.28 -4.95
C ASN A 32 -17.18 9.12 -3.46
N LEU A 33 -16.16 8.27 -3.23
CA LEU A 33 -15.45 8.22 -1.99
C LEU A 33 -14.01 8.58 -2.32
N LEU A 34 -13.47 9.55 -1.59
CA LEU A 34 -12.08 9.93 -1.70
C LEU A 34 -11.38 9.59 -0.40
N ILE A 35 -10.22 8.93 -0.51
CA ILE A 35 -9.48 8.49 0.66
C ILE A 35 -8.09 9.09 0.57
N ALA A 36 -7.66 9.72 1.66
CA ALA A 36 -6.30 10.20 1.79
C ALA A 36 -5.50 9.21 2.62
N LYS A 37 -4.43 8.69 2.00
CA LYS A 37 -3.43 7.86 2.64
C LYS A 37 -2.09 8.58 2.54
N ASN A 38 -1.94 9.57 3.41
CA ASN A 38 -0.73 10.38 3.51
C ASN A 38 -0.53 11.16 2.22
N THR A 39 0.35 10.65 1.33
CA THR A 39 0.72 11.28 0.08
C THR A 39 -0.19 10.85 -1.07
N ARG A 40 -1.09 9.87 -0.86
CA ARG A 40 -1.86 9.26 -1.93
C ARG A 40 -3.31 9.64 -1.78
N LEU A 41 -3.93 9.98 -2.90
CA LEU A 41 -5.35 10.25 -2.97
C LEU A 41 -6.01 9.18 -3.82
N GLU A 42 -6.95 8.45 -3.24
CA GLU A 42 -7.65 7.38 -3.94
C GLU A 42 -9.08 7.82 -4.18
N ILE A 43 -9.52 7.64 -5.42
CA ILE A 43 -10.87 8.04 -5.84
C ILE A 43 -11.63 6.79 -6.26
N TYR A 44 -12.84 6.64 -5.71
CA TYR A 44 -13.71 5.52 -6.00
C TYR A 44 -15.06 6.04 -6.42
N VAL A 45 -15.76 5.25 -7.23
CA VAL A 45 -17.19 5.43 -7.44
C VAL A 45 -17.92 4.38 -6.60
N VAL A 46 -18.96 4.80 -5.91
CA VAL A 46 -19.73 3.92 -5.05
C VAL A 46 -20.86 3.28 -5.85
N THR A 47 -20.96 1.94 -5.80
CA THR A 47 -22.02 1.23 -6.52
C THR A 47 -22.71 0.25 -5.56
N ALA A 48 -23.84 -0.30 -6.05
CA ALA A 48 -24.45 -1.50 -5.45
C ALA A 48 -23.40 -2.59 -5.27
N GLU A 49 -22.64 -2.87 -6.34
CA GLU A 49 -21.50 -3.78 -6.27
C GLU A 49 -20.63 -3.43 -5.05
N GLY A 50 -20.20 -2.16 -4.92
CA GLY A 50 -19.26 -1.75 -3.89
C GLY A 50 -18.43 -0.54 -4.36
N LEU A 51 -17.16 -0.47 -3.92
CA LEU A 51 -16.25 0.61 -4.33
C LEU A 51 -15.52 0.23 -5.61
N ARG A 52 -15.78 0.97 -6.70
CA ARG A 52 -15.00 0.85 -7.91
C ARG A 52 -13.85 1.85 -7.92
N PRO A 53 -12.58 1.42 -7.99
CA PRO A 53 -11.47 2.37 -8.11
C PRO A 53 -11.45 3.04 -9.47
N VAL A 54 -11.33 4.37 -9.52
CA VAL A 54 -11.27 5.03 -10.80
C VAL A 54 -9.94 5.72 -11.03
N LYS A 55 -9.34 6.30 -9.98
CA LYS A 55 -8.12 7.05 -10.15
C LYS A 55 -7.39 7.18 -8.83
N GLU A 56 -6.09 6.95 -8.84
CA GLU A 56 -5.25 7.14 -7.67
C GLU A 56 -4.12 8.05 -8.07
N VAL A 57 -3.88 9.11 -7.28
CA VAL A 57 -2.76 9.99 -7.58
C VAL A 57 -1.89 10.15 -6.36
N GLY A 58 -0.63 10.48 -6.62
CA GLY A 58 0.30 10.86 -5.61
C GLY A 58 0.44 12.38 -5.60
N MET A 59 0.48 12.94 -4.40
CA MET A 59 0.81 14.33 -4.23
C MET A 59 2.25 14.44 -3.78
N TYR A 60 2.88 15.56 -4.13
CA TYR A 60 4.17 15.89 -3.52
C TYR A 60 3.93 16.62 -2.21
N GLY A 61 3.31 15.92 -1.26
CA GLY A 61 2.97 16.49 0.02
C GLY A 61 2.14 15.51 0.84
N LYS A 62 2.18 15.74 2.14
CA LYS A 62 1.33 15.03 3.07
C LYS A 62 -0.04 15.73 3.11
N ILE A 63 -1.09 15.03 2.76
CA ILE A 63 -2.42 15.64 2.71
C ILE A 63 -2.90 15.93 4.14
N ALA A 64 -3.18 17.21 4.44
CA ALA A 64 -3.57 17.62 5.78
C ALA A 64 -5.03 18.06 5.81
N VAL A 65 -5.50 18.57 4.70
CA VAL A 65 -6.90 18.98 4.53
C VAL A 65 -7.35 18.47 3.18
N MET A 66 -8.57 17.93 3.15
CA MET A 66 -9.19 17.41 1.94
C MET A 66 -10.69 17.64 2.05
N GLU A 67 -11.24 18.52 1.19
CA GLU A 67 -12.63 18.89 1.25
C GLU A 67 -13.19 19.11 -0.17
N LEU A 68 -14.40 18.56 -0.42
CA LEU A 68 -15.11 18.80 -1.65
C LEU A 68 -16.03 19.99 -1.49
N PHE A 69 -16.18 20.76 -2.54
CA PHE A 69 -17.03 21.95 -2.48
C PHE A 69 -17.49 22.31 -3.89
N ARG A 70 -18.60 23.03 -4.01
CA ARG A 70 -19.13 23.28 -5.34
C ARG A 70 -19.51 24.73 -5.56
N PRO A 71 -18.60 25.57 -6.11
CA PRO A 71 -18.96 26.96 -6.41
C PRO A 71 -20.10 27.05 -7.42
N LYS A 72 -20.83 28.17 -7.37
CA LYS A 72 -21.74 28.52 -8.45
C LYS A 72 -20.98 28.49 -9.78
N GLY A 73 -21.65 27.97 -10.81
CA GLY A 73 -21.09 27.89 -12.15
C GLY A 73 -20.38 26.56 -12.42
N GLU A 74 -20.07 25.81 -11.36
CA GLU A 74 -19.41 24.52 -11.52
C GLU A 74 -20.45 23.42 -11.60
N SER A 75 -20.24 22.49 -12.53
CA SER A 75 -21.20 21.43 -12.82
C SER A 75 -20.98 20.22 -11.91
N LYS A 76 -19.79 20.12 -11.30
CA LYS A 76 -19.51 19.08 -10.32
C LYS A 76 -18.57 19.64 -9.24
N ASP A 77 -18.33 18.86 -8.20
CA ASP A 77 -17.52 19.37 -7.07
C ASP A 77 -16.08 19.59 -7.49
N LEU A 78 -15.46 20.59 -6.86
CA LEU A 78 -14.01 20.76 -6.88
C LEU A 78 -13.44 20.25 -5.56
N LEU A 79 -12.13 20.00 -5.57
CA LEU A 79 -11.46 19.44 -4.39
C LEU A 79 -10.43 20.43 -3.89
N PHE A 80 -10.51 20.76 -2.59
CA PHE A 80 -9.47 21.55 -1.93
C PHE A 80 -8.53 20.62 -1.16
N ILE A 81 -7.23 20.75 -1.44
CA ILE A 81 -6.19 20.09 -0.68
C ILE A 81 -5.26 21.13 -0.08
N LEU A 82 -4.86 20.88 1.16
CA LEU A 82 -3.73 21.55 1.80
C LEU A 82 -2.75 20.50 2.26
N THR A 83 -1.48 20.69 1.94
CA THR A 83 -0.45 19.77 2.44
C THR A 83 0.13 20.27 3.77
N ALA A 84 0.85 19.37 4.46
CA ALA A 84 1.51 19.66 5.71
C ALA A 84 2.56 20.77 5.54
N LYS A 85 3.07 20.94 4.32
CA LYS A 85 4.01 22.04 4.02
C LYS A 85 3.29 23.29 3.50
N TYR A 86 1.95 23.32 3.63
CA TYR A 86 1.13 24.50 3.35
C TYR A 86 1.00 24.80 1.86
N ASN A 87 1.13 23.76 1.02
CA ASN A 87 0.71 23.85 -0.37
C ASN A 87 -0.80 23.72 -0.44
N ALA A 88 -1.46 24.76 -0.97
CA ALA A 88 -2.88 24.75 -1.18
C ALA A 88 -3.19 24.60 -2.67
N CYS A 89 -4.24 23.85 -2.96
CA CYS A 89 -4.70 23.75 -4.33
C CYS A 89 -6.20 23.49 -4.40
N ILE A 90 -6.77 23.88 -5.54
CA ILE A 90 -8.11 23.50 -5.91
C ILE A 90 -8.01 22.64 -7.19
N LEU A 91 -8.62 21.44 -7.14
CA LEU A 91 -8.45 20.42 -8.16
C LEU A 91 -9.81 20.09 -8.81
N GLU A 92 -9.76 19.75 -10.11
CA GLU A 92 -10.92 19.32 -10.87
C GLU A 92 -10.60 18.02 -11.57
N TYR A 93 -11.57 17.11 -11.57
CA TYR A 93 -11.43 15.83 -12.25
C TYR A 93 -11.88 15.99 -13.69
N LYS A 94 -11.01 15.65 -14.66
CA LYS A 94 -11.38 15.71 -16.07
C LYS A 94 -11.13 14.35 -16.72
N GLN A 95 -12.18 13.82 -17.34
CA GLN A 95 -12.07 12.60 -18.12
C GLN A 95 -12.37 12.92 -19.57
N SER A 96 -11.46 12.53 -20.48
CA SER A 96 -11.65 12.70 -21.92
C SER A 96 -11.40 11.36 -22.63
N GLY A 97 -12.49 10.67 -22.94
CA GLY A 97 -12.42 9.26 -23.28
C GLY A 97 -11.79 8.47 -22.13
N GLU A 98 -10.65 7.83 -22.43
CA GLU A 98 -10.04 6.90 -21.48
C GLU A 98 -8.96 7.62 -20.68
N SER A 99 -8.65 8.88 -21.04
CA SER A 99 -7.64 9.63 -20.34
C SER A 99 -8.26 10.37 -19.15
N ILE A 100 -7.66 10.19 -17.97
CA ILE A 100 -8.14 10.82 -16.75
C ILE A 100 -7.07 11.77 -16.25
N ASP A 101 -7.43 13.06 -16.08
CA ASP A 101 -6.50 14.06 -15.59
C ASP A 101 -7.10 14.80 -14.39
N ILE A 102 -6.23 15.08 -13.41
CA ILE A 102 -6.56 15.97 -12.31
C ILE A 102 -5.96 17.34 -12.64
N ILE A 103 -6.81 18.34 -12.91
CA ILE A 103 -6.31 19.63 -13.30
C ILE A 103 -6.27 20.57 -12.08
N THR A 104 -5.24 21.41 -12.03
CA THR A 104 -5.09 22.40 -10.96
C THR A 104 -5.77 23.71 -11.38
N ARG A 105 -6.86 24.04 -10.72
CA ARG A 105 -7.61 25.25 -10.98
C ARG A 105 -7.02 26.45 -10.26
N ALA A 106 -6.30 26.22 -9.17
CA ALA A 106 -5.71 27.28 -8.37
C ALA A 106 -4.67 26.65 -7.46
N HIS A 107 -3.62 27.39 -7.13
CA HIS A 107 -2.62 26.87 -6.21
C HIS A 107 -1.83 28.00 -5.61
N GLY A 108 -1.35 27.76 -4.42
CA GLY A 108 -0.36 28.63 -3.80
C GLY A 108 0.05 28.13 -2.44
N ASN A 109 1.15 28.66 -1.94
CA ASN A 109 1.62 28.26 -0.64
C ASN A 109 1.15 29.28 0.41
N VAL A 110 0.58 28.78 1.52
CA VAL A 110 -0.10 29.68 2.45
C VAL A 110 0.61 29.77 3.78
N GLN A 111 1.87 29.35 3.86
CA GLN A 111 2.55 29.44 5.13
C GLN A 111 2.73 30.93 5.48
N ASP A 112 2.77 31.22 6.78
CA ASP A 112 3.19 32.54 7.26
C ASP A 112 4.71 32.56 7.45
N ARG A 113 5.29 33.77 7.56
N ARG A 113 5.28 33.77 7.56
CA ARG A 113 6.73 33.92 7.80
CA ARG A 113 6.71 33.94 7.80
C ARG A 113 7.04 33.59 9.26
C ARG A 113 7.03 33.60 9.25
N ILE A 114 6.41 34.33 10.17
CA ILE A 114 6.44 33.99 11.58
C ILE A 114 5.42 32.88 11.74
N GLY A 115 5.64 31.97 12.67
CA GLY A 115 4.59 31.03 13.01
C GLY A 115 5.13 29.74 13.57
N ARG A 116 4.68 29.45 14.79
CA ARG A 116 4.80 28.15 15.39
C ARG A 116 3.55 27.35 15.00
N PRO A 117 3.67 26.23 14.28
CA PRO A 117 2.50 25.42 13.96
C PRO A 117 1.67 25.16 15.22
N SER A 118 0.35 25.31 15.12
CA SER A 118 -0.52 24.95 16.21
C SER A 118 -0.19 23.54 16.68
N GLU A 119 -0.15 23.35 18.01
CA GLU A 119 0.12 22.05 18.61
C GLU A 119 -0.97 21.05 18.20
N THR A 120 -2.22 21.54 18.02
CA THR A 120 -3.39 20.68 17.80
C THR A 120 -3.71 20.51 16.31
N GLY A 121 -2.81 20.94 15.44
CA GLY A 121 -2.87 20.53 14.05
C GLY A 121 -3.55 21.57 13.16
N ILE A 122 -3.39 21.37 11.87
CA ILE A 122 -4.05 22.16 10.84
C ILE A 122 -5.52 21.80 10.82
N ILE A 123 -6.36 22.84 10.81
CA ILE A 123 -7.78 22.72 10.54
C ILE A 123 -8.07 23.57 9.30
N GLY A 124 -8.75 22.95 8.35
CA GLY A 124 -9.22 23.66 7.17
C GLY A 124 -10.69 23.40 6.94
N ILE A 125 -11.43 24.47 6.71
CA ILE A 125 -12.88 24.42 6.58
C ILE A 125 -13.32 25.29 5.40
N ILE A 126 -14.48 24.94 4.81
CA ILE A 126 -15.01 25.70 3.67
C ILE A 126 -16.44 26.10 3.96
N ASP A 127 -16.71 27.36 3.69
CA ASP A 127 -18.04 27.92 3.94
C ASP A 127 -19.05 27.18 3.07
N PRO A 128 -20.25 26.81 3.60
CA PRO A 128 -21.25 26.11 2.80
C PRO A 128 -21.65 26.81 1.51
N GLU A 129 -21.56 28.15 1.49
CA GLU A 129 -21.89 28.95 0.31
C GLU A 129 -20.66 29.22 -0.57
N CYS A 130 -19.53 28.61 -0.23
CA CYS A 130 -18.29 28.74 -1.00
C CYS A 130 -17.83 30.18 -1.12
N ARG A 131 -18.00 30.95 -0.03
CA ARG A 131 -17.56 32.33 0.01
C ARG A 131 -16.08 32.39 0.33
N MET A 132 -15.57 31.38 1.07
CA MET A 132 -14.20 31.43 1.56
C MET A 132 -13.79 30.06 2.08
N ILE A 133 -12.47 29.84 2.11
CA ILE A 133 -11.79 28.79 2.88
C ILE A 133 -11.18 29.40 4.13
N GLY A 134 -11.32 28.74 5.26
CA GLY A 134 -10.75 29.19 6.52
C GLY A 134 -9.74 28.17 7.01
N LEU A 135 -8.56 28.64 7.41
CA LEU A 135 -7.49 27.76 7.89
C LEU A 135 -7.05 28.18 9.28
N ARG A 136 -6.94 27.20 10.19
CA ARG A 136 -6.31 27.42 11.47
C ARG A 136 -4.97 26.71 11.45
N LEU A 137 -3.90 27.48 11.19
CA LEU A 137 -2.57 26.94 11.03
C LEU A 137 -1.73 27.21 12.29
N TYR A 138 -1.87 28.42 12.86
CA TYR A 138 -1.05 28.87 13.98
C TYR A 138 -1.99 29.40 15.05
N ASP A 139 -1.66 29.23 16.33
CA ASP A 139 -2.48 29.83 17.37
C ASP A 139 -2.54 31.35 17.19
N GLY A 140 -3.72 31.91 17.45
CA GLY A 140 -3.91 33.36 17.47
C GLY A 140 -4.25 33.96 16.12
N LEU A 141 -4.36 33.13 15.08
CA LEU A 141 -4.56 33.62 13.71
C LEU A 141 -5.55 32.71 12.98
N PHE A 142 -6.47 33.32 12.21
CA PHE A 142 -7.36 32.59 11.34
C PHE A 142 -7.13 33.09 9.92
N LYS A 143 -6.76 32.19 9.03
CA LYS A 143 -6.38 32.56 7.68
C LYS A 143 -7.56 32.35 6.77
N VAL A 144 -7.85 33.37 5.95
CA VAL A 144 -8.98 33.35 5.07
C VAL A 144 -8.49 33.42 3.63
N ILE A 145 -8.93 32.47 2.83
CA ILE A 145 -8.78 32.49 1.38
C ILE A 145 -10.13 32.80 0.75
N PRO A 146 -10.33 34.04 0.24
CA PRO A 146 -11.58 34.36 -0.46
C PRO A 146 -11.71 33.49 -1.72
N LEU A 147 -12.91 32.97 -1.98
CA LEU A 147 -13.14 32.09 -3.12
C LEU A 147 -13.71 32.89 -4.29
N ASP A 148 -12.87 33.79 -4.82
N ASP A 148 -12.88 33.77 -4.85
CA ASP A 148 -13.15 34.49 -6.06
CA ASP A 148 -13.21 34.48 -6.08
C ASP A 148 -12.51 33.68 -7.20
C ASP A 148 -12.48 33.78 -7.22
N ARG A 149 -13.13 33.72 -8.38
CA ARG A 149 -12.61 32.99 -9.54
C ARG A 149 -11.29 33.62 -10.01
N ASP A 150 -11.09 34.91 -9.67
CA ASP A 150 -9.84 35.62 -9.96
C ASP A 150 -8.71 35.20 -9.02
N ASN A 151 -9.02 34.53 -7.90
CA ASN A 151 -7.99 34.26 -6.91
C ASN A 151 -7.29 32.92 -7.20
N LYS A 152 -6.61 32.86 -8.36
CA LYS A 152 -6.00 31.62 -8.81
C LYS A 152 -4.70 31.32 -8.07
N GLU A 153 -4.15 32.30 -7.32
CA GLU A 153 -2.93 32.10 -6.56
C GLU A 153 -3.26 31.80 -5.10
N LEU A 154 -4.56 31.73 -4.77
CA LEU A 154 -5.02 31.49 -3.39
C LEU A 154 -4.36 32.44 -2.40
N LYS A 155 -4.35 33.73 -2.75
CA LYS A 155 -3.93 34.74 -1.81
C LYS A 155 -4.92 34.81 -0.65
N ALA A 156 -4.35 35.04 0.54
CA ALA A 156 -5.09 34.94 1.77
C ALA A 156 -4.78 36.15 2.64
N PHE A 157 -5.59 36.34 3.66
CA PHE A 157 -5.31 37.30 4.70
C PHE A 157 -5.55 36.64 6.05
N ASN A 158 -4.87 37.16 7.07
CA ASN A 158 -4.99 36.70 8.43
C ASN A 158 -5.94 37.61 9.19
N ILE A 159 -6.72 37.00 10.07
CA ILE A 159 -7.48 37.72 11.09
C ILE A 159 -6.94 37.30 12.44
N ARG A 160 -6.71 38.28 13.31
CA ARG A 160 -6.35 38.00 14.67
C ARG A 160 -7.51 37.27 15.33
N LEU A 161 -7.19 36.17 15.99
CA LEU A 161 -8.15 35.45 16.80
C LEU A 161 -7.77 35.62 18.27
N GLU A 162 -8.63 36.27 19.04
CA GLU A 162 -8.34 36.57 20.44
C GLU A 162 -8.14 35.27 21.24
N GLU A 163 -8.93 34.26 20.89
CA GLU A 163 -8.84 32.97 21.54
C GLU A 163 -7.66 32.17 20.97
N LEU A 164 -6.62 31.98 21.79
CA LEU A 164 -5.37 31.37 21.37
C LEU A 164 -5.46 29.85 21.23
N HIS A 165 -6.34 29.19 21.98
CA HIS A 165 -6.33 27.74 22.04
C HIS A 165 -7.66 27.22 21.50
N VAL A 166 -7.76 27.14 20.17
CA VAL A 166 -8.95 26.60 19.53
C VAL A 166 -8.83 25.07 19.47
N ILE A 167 -9.90 24.42 19.86
CA ILE A 167 -10.00 22.98 19.87
C ILE A 167 -10.56 22.50 18.51
N ASP A 168 -11.70 23.06 18.08
CA ASP A 168 -12.26 22.74 16.78
C ASP A 168 -13.09 23.92 16.29
N VAL A 169 -13.29 23.96 14.98
CA VAL A 169 -13.97 25.07 14.34
C VAL A 169 -14.66 24.57 13.04
N LYS A 170 -15.86 25.11 12.79
CA LYS A 170 -16.59 24.86 11.57
C LYS A 170 -17.27 26.15 11.11
N PHE A 171 -17.58 26.19 9.81
CA PHE A 171 -18.52 27.19 9.27
C PHE A 171 -19.94 26.68 9.47
N LEU A 172 -20.84 27.61 9.87
CA LEU A 172 -22.25 27.29 10.04
C LEU A 172 -23.04 27.40 8.73
N TYR A 173 -24.12 26.60 8.68
CA TYR A 173 -25.09 26.67 7.61
C TYR A 173 -26.13 27.75 7.91
N GLY A 174 -26.75 28.27 6.85
CA GLY A 174 -27.95 29.10 6.97
C GLY A 174 -27.66 30.52 7.45
N CYS A 175 -26.45 31.02 7.18
CA CYS A 175 -26.02 32.33 7.66
C CYS A 175 -25.87 33.31 6.50
N GLN A 176 -26.32 34.57 6.71
CA GLN A 176 -26.27 35.59 5.66
C GLN A 176 -24.82 36.05 5.44
N ALA A 177 -24.02 36.03 6.49
CA ALA A 177 -22.59 36.23 6.41
C ALA A 177 -21.90 34.92 6.78
N PRO A 178 -20.73 34.60 6.21
CA PRO A 178 -19.96 33.45 6.66
C PRO A 178 -19.67 33.53 8.14
N THR A 179 -19.90 32.41 8.86
CA THR A 179 -19.93 32.43 10.31
C THR A 179 -19.25 31.18 10.83
N ILE A 180 -18.22 31.38 11.65
CA ILE A 180 -17.57 30.25 12.29
C ILE A 180 -18.14 30.04 13.68
N CYS A 181 -18.10 28.77 14.10
CA CYS A 181 -18.45 28.29 15.43
C CYS A 181 -17.28 27.45 15.91
N PHE A 182 -16.72 27.79 17.08
CA PHE A 182 -15.57 27.07 17.56
C PHE A 182 -15.62 26.88 19.08
N VAL A 183 -14.95 25.83 19.52
CA VAL A 183 -14.65 25.58 20.91
C VAL A 183 -13.23 26.04 21.20
N TYR A 184 -13.07 26.78 22.30
CA TYR A 184 -11.74 27.17 22.74
C TYR A 184 -11.61 27.00 24.25
N GLN A 185 -10.35 26.94 24.69
CA GLN A 185 -9.98 26.71 26.08
C GLN A 185 -9.22 27.91 26.63
N ASP A 186 -9.65 28.38 27.83
CA ASP A 186 -8.92 29.39 28.57
C ASP A 186 -8.85 28.94 30.04
N PRO A 187 -8.27 29.73 30.97
CA PRO A 187 -8.20 29.31 32.37
C PRO A 187 -9.55 29.03 33.02
N GLN A 188 -10.61 29.64 32.49
CA GLN A 188 -11.94 29.50 33.05
C GLN A 188 -12.68 28.28 32.50
N GLY A 189 -12.02 27.50 31.61
CA GLY A 189 -12.61 26.28 31.08
C GLY A 189 -12.75 26.34 29.56
N ARG A 190 -13.69 25.54 29.02
CA ARG A 190 -13.92 25.51 27.58
C ARG A 190 -15.22 26.19 27.27
N HIS A 191 -15.27 26.82 26.10
CA HIS A 191 -16.38 27.66 25.70
C HIS A 191 -16.63 27.47 24.22
N VAL A 192 -17.87 27.73 23.79
CA VAL A 192 -18.25 27.76 22.38
C VAL A 192 -18.59 29.20 22.06
N LYS A 193 -18.10 29.67 20.90
CA LYS A 193 -18.30 31.04 20.50
C LYS A 193 -18.45 31.07 18.97
N THR A 194 -19.06 32.15 18.47
CA THR A 194 -19.17 32.37 17.04
C THR A 194 -18.56 33.71 16.66
N TYR A 195 -18.19 33.82 15.38
CA TYR A 195 -17.88 35.08 14.76
C TYR A 195 -18.40 35.09 13.33
N GLU A 196 -18.83 36.26 12.84
CA GLU A 196 -18.98 36.43 11.40
C GLU A 196 -17.64 36.84 10.83
N VAL A 197 -17.42 36.46 9.58
CA VAL A 197 -16.18 36.75 8.89
C VAL A 197 -16.50 37.73 7.77
N SER A 198 -16.02 38.95 7.95
CA SER A 198 -16.30 40.05 6.99
C SER A 198 -15.18 40.12 5.96
N LEU A 199 -15.52 39.82 4.70
CA LEU A 199 -14.57 39.96 3.60
C LEU A 199 -14.28 41.44 3.34
N ARG A 200 -15.26 42.32 3.57
N ARG A 200 -15.31 42.28 3.56
CA ARG A 200 -15.02 43.71 3.26
CA ARG A 200 -15.23 43.73 3.37
C ARG A 200 -14.11 44.37 4.31
C ARG A 200 -14.18 44.34 4.30
N GLU A 201 -14.20 43.94 5.57
CA GLU A 201 -13.38 44.53 6.62
C GLU A 201 -12.09 43.73 6.85
N LYS A 202 -12.03 42.51 6.29
CA LYS A 202 -10.92 41.60 6.59
C LYS A 202 -10.79 41.39 8.11
N GLU A 203 -11.93 41.12 8.75
N GLU A 203 -11.94 41.20 8.78
CA GLU A 203 -12.01 41.10 10.21
CA GLU A 203 -11.98 41.08 10.23
C GLU A 203 -13.19 40.23 10.63
C GLU A 203 -13.16 40.19 10.62
N PHE A 204 -13.19 39.82 11.89
CA PHE A 204 -14.35 39.19 12.49
C PHE A 204 -15.36 40.26 12.87
N ASN A 205 -16.64 39.92 12.77
CA ASN A 205 -17.72 40.69 13.39
C ASN A 205 -18.41 39.81 14.43
N LYS A 206 -19.21 40.44 15.29
CA LYS A 206 -19.96 39.72 16.32
C LYS A 206 -20.79 38.60 15.69
N GLY A 207 -20.74 37.42 16.32
CA GLY A 207 -21.43 36.26 15.85
C GLY A 207 -22.92 36.26 16.24
N PRO A 208 -23.72 35.35 15.69
CA PRO A 208 -25.18 35.45 15.82
C PRO A 208 -25.69 34.93 17.15
N TRP A 209 -24.83 34.25 17.90
CA TRP A 209 -25.27 33.81 19.20
C TRP A 209 -24.12 33.84 20.19
N LYS A 210 -24.49 34.15 21.43
CA LYS A 210 -23.57 34.47 22.49
C LYS A 210 -22.81 33.20 22.86
N GLN A 211 -21.69 33.38 23.52
CA GLN A 211 -20.88 32.25 23.85
C GLN A 211 -21.53 31.49 25.02
N GLU A 212 -21.22 30.20 25.11
CA GLU A 212 -21.67 29.38 26.22
C GLU A 212 -20.47 28.61 26.77
N ASN A 213 -20.52 28.33 28.07
CA ASN A 213 -19.63 27.36 28.66
C ASN A 213 -20.06 25.98 28.20
N VAL A 214 -19.07 25.15 27.88
CA VAL A 214 -19.32 23.79 27.47
C VAL A 214 -18.49 22.88 28.36
N GLU A 215 -18.65 21.58 28.11
CA GLU A 215 -17.98 20.58 28.90
C GLU A 215 -16.47 20.80 28.88
N ALA A 216 -15.83 20.37 29.97
CA ALA A 216 -14.39 20.47 30.11
C ALA A 216 -13.65 19.78 28.95
N GLU A 217 -14.20 18.69 28.40
CA GLU A 217 -13.51 17.95 27.36
C GLU A 217 -14.30 18.00 26.03
N ALA A 218 -15.08 19.06 25.84
CA ALA A 218 -15.69 19.31 24.53
C ALA A 218 -14.60 19.32 23.46
N SER A 219 -14.73 18.54 22.36
CA SER A 219 -13.60 18.37 21.44
C SER A 219 -13.97 18.47 19.97
N MET A 220 -15.26 18.39 19.62
CA MET A 220 -15.65 18.39 18.22
C MET A 220 -16.88 19.25 18.01
N VAL A 221 -16.81 20.03 16.94
CA VAL A 221 -17.93 20.85 16.46
C VAL A 221 -18.49 20.23 15.19
N ILE A 222 -19.82 20.05 15.14
CA ILE A 222 -20.55 19.64 13.98
C ILE A 222 -21.51 20.77 13.58
N ALA A 223 -21.37 21.24 12.36
CA ALA A 223 -22.30 22.25 11.84
C ALA A 223 -23.48 21.55 11.19
N VAL A 224 -24.69 21.79 11.69
CA VAL A 224 -25.85 21.03 11.26
C VAL A 224 -26.50 21.78 10.10
N PRO A 225 -26.82 21.11 8.99
CA PRO A 225 -27.45 21.79 7.84
C PRO A 225 -28.87 22.26 8.14
N GLU A 226 -29.38 23.10 7.24
CA GLU A 226 -30.82 23.39 7.25
C GLU A 226 -31.60 22.10 7.13
N PRO A 227 -32.80 21.98 7.75
CA PRO A 227 -33.46 23.11 8.40
C PRO A 227 -33.13 23.38 9.86
N PHE A 228 -32.27 22.55 10.45
CA PHE A 228 -31.92 22.79 11.84
C PHE A 228 -31.04 24.03 11.95
N GLY A 229 -29.95 24.05 11.18
CA GLY A 229 -28.87 24.98 11.47
C GLY A 229 -28.21 24.68 12.82
N GLY A 230 -27.32 25.58 13.24
CA GLY A 230 -26.71 25.51 14.55
C GLY A 230 -25.56 24.52 14.58
N ALA A 231 -25.15 24.14 15.79
CA ALA A 231 -23.94 23.34 15.97
C ALA A 231 -24.18 22.32 17.06
N ILE A 232 -23.63 21.12 16.86
CA ILE A 232 -23.53 20.10 17.88
C ILE A 232 -22.11 20.09 18.41
N ILE A 233 -21.99 20.05 19.74
CA ILE A 233 -20.69 19.96 20.39
C ILE A 233 -20.61 18.63 21.14
N ILE A 234 -19.59 17.86 20.84
CA ILE A 234 -19.41 16.54 21.41
C ILE A 234 -18.31 16.65 22.45
N GLY A 235 -18.57 16.17 23.67
CA GLY A 235 -17.51 16.01 24.64
C GLY A 235 -17.46 14.57 25.17
N GLN A 236 -16.78 14.40 26.32
CA GLN A 236 -16.52 13.08 26.85
C GLN A 236 -17.77 12.53 27.51
N GLU A 237 -18.61 13.39 28.06
CA GLU A 237 -19.77 12.85 28.74
C GLU A 237 -21.05 13.61 28.36
N SER A 238 -20.98 14.46 27.37
CA SER A 238 -22.16 15.22 27.01
C SER A 238 -22.17 15.53 25.52
N ILE A 239 -23.38 15.75 25.01
CA ILE A 239 -23.57 16.24 23.65
C ILE A 239 -24.55 17.42 23.71
N THR A 240 -24.13 18.58 23.19
N THR A 240 -24.19 18.55 23.09
CA THR A 240 -24.96 19.78 23.25
CA THR A 240 -24.97 19.78 23.26
C THR A 240 -25.31 20.25 21.83
C THR A 240 -25.21 20.47 21.92
N TYR A 241 -26.45 20.94 21.74
CA TYR A 241 -26.83 21.67 20.52
C TYR A 241 -27.02 23.14 20.85
N HIS A 242 -26.53 24.00 19.97
CA HIS A 242 -26.56 25.44 20.13
C HIS A 242 -27.11 26.08 18.86
N ASN A 243 -28.04 27.02 18.99
CA ASN A 243 -28.43 27.83 17.84
C ASN A 243 -28.84 29.26 18.29
N GLY A 244 -28.64 29.56 19.55
CA GLY A 244 -28.56 30.93 20.01
C GLY A 244 -29.68 31.24 21.00
N ASP A 245 -30.88 31.46 20.48
CA ASP A 245 -32.09 31.39 21.29
C ASP A 245 -32.44 29.92 21.54
N LYS A 246 -31.43 29.01 21.46
CA LYS A 246 -31.66 27.58 21.53
C LYS A 246 -30.43 26.88 22.16
N TYR A 247 -30.69 26.03 23.17
CA TYR A 247 -29.65 25.28 23.87
C TYR A 247 -30.26 23.97 24.33
N LEU A 248 -29.65 22.85 23.95
CA LEU A 248 -30.13 21.53 24.34
C LEU A 248 -28.92 20.67 24.66
N ALA A 249 -28.95 19.96 25.78
CA ALA A 249 -27.81 19.18 26.21
C ALA A 249 -28.29 17.84 26.72
N ILE A 250 -27.55 16.79 26.39
CA ILE A 250 -27.81 15.47 26.93
C ILE A 250 -26.52 14.93 27.51
N ALA A 251 -26.63 14.05 28.51
CA ALA A 251 -25.46 13.47 29.14
C ALA A 251 -25.64 11.95 29.20
N PRO A 252 -25.60 11.27 28.04
CA PRO A 252 -25.93 9.84 27.96
C PRO A 252 -24.79 8.96 28.49
N PRO A 253 -25.05 8.13 29.53
CA PRO A 253 -23.97 7.33 30.14
C PRO A 253 -23.24 6.40 29.16
N ILE A 254 -23.90 6.02 28.08
CA ILE A 254 -23.36 5.02 27.16
C ILE A 254 -22.08 5.52 26.46
N ILE A 255 -21.84 6.85 26.38
CA ILE A 255 -20.66 7.34 25.66
C ILE A 255 -19.47 7.55 26.59
N LYS A 256 -19.64 7.35 27.91
CA LYS A 256 -18.69 7.84 28.89
C LYS A 256 -17.42 6.98 28.88
N GLN A 257 -17.52 5.76 28.35
CA GLN A 257 -16.45 4.78 28.51
C GLN A 257 -15.25 5.11 27.62
N SER A 258 -15.49 5.76 26.48
CA SER A 258 -14.43 5.95 25.50
C SER A 258 -14.70 7.25 24.75
N THR A 259 -13.66 8.02 24.50
CA THR A 259 -13.80 9.31 23.81
C THR A 259 -14.29 9.08 22.38
N ILE A 260 -15.30 9.86 22.00
CA ILE A 260 -15.74 9.91 20.63
C ILE A 260 -14.79 10.81 19.88
N VAL A 261 -14.29 10.31 18.72
CA VAL A 261 -13.26 11.02 17.97
C VAL A 261 -13.58 11.22 16.49
N CYS A 262 -14.69 10.67 16.00
CA CYS A 262 -15.09 10.99 14.64
C CYS A 262 -16.60 10.99 14.51
N HIS A 263 -17.06 11.72 13.49
CA HIS A 263 -18.48 11.88 13.21
C HIS A 263 -18.67 11.89 11.70
N ASN A 264 -19.90 11.58 11.27
CA ASN A 264 -20.26 11.68 9.87
C ASN A 264 -21.76 11.86 9.76
N ARG A 265 -22.18 12.73 8.85
CA ARG A 265 -23.59 12.95 8.61
C ARG A 265 -24.20 11.82 7.74
N VAL A 266 -25.30 11.21 8.23
CA VAL A 266 -25.98 10.13 7.53
C VAL A 266 -27.00 10.76 6.60
N ASP A 267 -27.88 11.60 7.16
CA ASP A 267 -28.93 12.21 6.37
C ASP A 267 -28.50 13.60 5.94
N PRO A 268 -28.76 13.97 4.67
CA PRO A 268 -28.42 15.32 4.19
C PRO A 268 -28.96 16.47 5.04
N ASN A 269 -30.11 16.25 5.71
CA ASN A 269 -30.73 17.31 6.48
C ASN A 269 -30.29 17.27 7.95
N GLY A 270 -29.36 16.37 8.29
CA GLY A 270 -28.77 16.39 9.61
C GLY A 270 -29.58 15.61 10.65
N SER A 271 -30.55 14.78 10.22
CA SER A 271 -31.41 14.10 11.18
C SER A 271 -30.64 13.03 11.93
N ARG A 272 -29.56 12.54 11.30
CA ARG A 272 -28.80 11.45 11.88
C ARG A 272 -27.31 11.58 11.54
N TYR A 273 -26.49 11.23 12.53
CA TYR A 273 -25.03 11.21 12.46
C TYR A 273 -24.52 9.89 12.98
N LEU A 274 -23.41 9.43 12.40
CA LEU A 274 -22.60 8.38 13.01
C LEU A 274 -21.52 9.01 13.89
N LEU A 275 -21.20 8.33 15.01
CA LEU A 275 -20.15 8.73 15.93
C LEU A 275 -19.29 7.49 16.20
N GLY A 276 -17.98 7.66 16.18
CA GLY A 276 -17.12 6.54 16.52
C GLY A 276 -16.18 6.88 17.66
N ASP A 277 -15.88 5.89 18.52
CA ASP A 277 -15.03 6.13 19.68
C ASP A 277 -13.72 5.37 19.56
N MET A 278 -12.88 5.55 20.56
CA MET A 278 -11.50 5.09 20.48
C MET A 278 -11.44 3.58 20.69
N GLU A 279 -12.57 2.93 21.06
CA GLU A 279 -12.62 1.49 21.24
C GLU A 279 -13.37 0.80 20.09
N GLY A 280 -13.73 1.55 19.04
CA GLY A 280 -14.37 0.97 17.89
C GLY A 280 -15.90 0.91 18.00
N ARG A 281 -16.47 1.47 19.06
N ARG A 281 -16.47 1.46 19.08
CA ARG A 281 -17.93 1.51 19.11
CA ARG A 281 -17.94 1.52 19.20
C ARG A 281 -18.45 2.44 18.03
C ARG A 281 -18.50 2.49 18.17
N LEU A 282 -19.62 2.12 17.51
CA LEU A 282 -20.25 2.94 16.50
C LEU A 282 -21.63 3.32 17.04
N PHE A 283 -21.90 4.62 17.08
CA PHE A 283 -23.19 5.13 17.57
C PHE A 283 -23.93 5.85 16.46
N MET A 284 -25.27 5.89 16.62
CA MET A 284 -26.11 6.79 15.87
C MET A 284 -26.59 7.88 16.80
N LEU A 285 -26.40 9.13 16.36
CA LEU A 285 -26.95 10.31 17.03
C LEU A 285 -28.14 10.79 16.22
N LEU A 286 -29.32 10.82 16.86
CA LEU A 286 -30.55 11.20 16.19
C LEU A 286 -31.07 12.52 16.71
N LEU A 287 -31.42 13.40 15.76
CA LEU A 287 -31.94 14.73 16.06
C LEU A 287 -33.44 14.69 15.78
N GLU A 288 -34.25 14.90 16.80
CA GLU A 288 -35.70 14.88 16.60
C GLU A 288 -36.16 16.30 16.28
N LYS A 289 -37.02 16.41 15.24
CA LYS A 289 -37.58 17.67 14.77
C LYS A 289 -38.84 18.03 15.56
N GLU A 290 -39.04 19.33 15.71
CA GLU A 290 -40.29 19.90 16.18
C GLU A 290 -40.78 20.89 15.12
N GLU A 291 -42.05 20.80 14.77
CA GLU A 291 -42.62 21.74 13.81
C GLU A 291 -42.92 23.06 14.48
N GLN A 292 -43.06 24.10 13.67
CA GLN A 292 -43.39 25.44 14.16
C GLN A 292 -44.41 26.05 13.19
N MET A 293 -45.21 26.99 13.70
CA MET A 293 -46.28 27.58 12.89
C MET A 293 -45.72 28.33 11.69
N ASP A 294 -44.55 28.94 11.85
CA ASP A 294 -43.96 29.73 10.77
C ASP A 294 -43.25 28.84 9.75
N GLY A 295 -43.24 27.52 9.95
CA GLY A 295 -42.73 26.58 8.95
C GLY A 295 -41.25 26.25 9.17
N THR A 296 -40.60 26.91 10.16
CA THR A 296 -39.23 26.53 10.56
C THR A 296 -39.32 25.22 11.32
N VAL A 297 -38.17 24.58 11.46
CA VAL A 297 -38.06 23.34 12.18
C VAL A 297 -36.99 23.52 13.26
N THR A 298 -37.32 23.13 14.49
CA THR A 298 -36.41 23.27 15.62
C THR A 298 -36.10 21.88 16.20
N LEU A 299 -35.03 21.83 16.97
CA LEU A 299 -34.60 20.56 17.52
C LEU A 299 -35.36 20.32 18.81
N LYS A 300 -36.03 19.18 18.88
CA LYS A 300 -36.83 18.83 20.05
C LYS A 300 -36.00 18.05 21.06
N ASP A 301 -35.15 17.12 20.58
CA ASP A 301 -34.34 16.33 21.51
C ASP A 301 -33.23 15.62 20.73
N LEU A 302 -32.28 15.07 21.49
CA LEU A 302 -31.13 14.34 20.97
C LEU A 302 -31.14 12.96 21.61
N ARG A 303 -30.79 11.93 20.85
CA ARG A 303 -30.67 10.58 21.37
C ARG A 303 -29.44 9.92 20.77
N VAL A 304 -28.76 9.09 21.58
CA VAL A 304 -27.66 8.26 21.09
C VAL A 304 -28.03 6.80 21.24
N GLU A 305 -27.73 6.01 20.20
CA GLU A 305 -27.98 4.58 20.13
C GLU A 305 -26.66 3.89 19.75
N LEU A 306 -26.29 2.85 20.52
CA LEU A 306 -25.17 1.98 20.13
C LEU A 306 -25.57 1.09 18.95
N LEU A 307 -24.76 1.09 17.88
CA LEU A 307 -25.07 0.29 16.71
C LEU A 307 -24.31 -1.03 16.77
N GLY A 308 -23.11 -1.02 17.33
CA GLY A 308 -22.20 -2.13 17.14
C GLY A 308 -20.74 -1.71 17.23
N GLU A 309 -19.87 -2.56 16.68
CA GLU A 309 -18.44 -2.37 16.79
C GLU A 309 -17.81 -2.44 15.40
N THR A 310 -16.85 -1.52 15.12
CA THR A 310 -16.07 -1.52 13.89
C THR A 310 -14.60 -1.62 14.27
N SER A 311 -13.74 -1.55 13.27
CA SER A 311 -12.36 -1.20 13.48
C SER A 311 -12.29 0.19 14.13
N ILE A 312 -11.25 0.44 14.90
CA ILE A 312 -11.03 1.74 15.51
C ILE A 312 -10.94 2.77 14.37
N ALA A 313 -11.86 3.74 14.36
CA ALA A 313 -12.03 4.58 13.18
C ALA A 313 -11.30 5.90 13.37
N GLU A 314 -10.52 6.29 12.36
CA GLU A 314 -10.02 7.64 12.21
C GLU A 314 -11.12 8.47 11.56
N CYS A 315 -11.82 7.88 10.60
CA CYS A 315 -12.93 8.55 9.92
C CYS A 315 -14.02 7.55 9.53
N LEU A 316 -15.23 8.08 9.38
CA LEU A 316 -16.40 7.30 9.02
C LEU A 316 -17.04 8.02 7.84
N THR A 317 -17.52 7.29 6.82
CA THR A 317 -18.28 7.91 5.74
C THR A 317 -19.46 7.01 5.37
N TYR A 318 -20.68 7.51 5.61
CA TYR A 318 -21.85 6.83 5.13
C TYR A 318 -21.94 6.98 3.60
N LEU A 319 -22.22 5.87 2.91
CA LEU A 319 -22.19 5.79 1.45
C LEU A 319 -23.57 5.49 0.87
N ASP A 320 -24.62 5.60 1.65
CA ASP A 320 -25.99 5.29 1.19
C ASP A 320 -26.25 3.76 1.21
N ASN A 321 -27.54 3.40 1.32
CA ASN A 321 -27.98 2.01 1.35
C ASN A 321 -27.37 1.25 2.54
N GLY A 322 -27.17 1.97 3.64
CA GLY A 322 -26.75 1.37 4.89
C GLY A 322 -25.26 0.99 4.89
N VAL A 323 -24.55 1.37 3.82
CA VAL A 323 -23.12 1.01 3.72
C VAL A 323 -22.26 2.16 4.30
N VAL A 324 -21.25 1.81 5.12
CA VAL A 324 -20.37 2.76 5.78
C VAL A 324 -18.93 2.33 5.50
N PHE A 325 -18.11 3.29 5.09
CA PHE A 325 -16.68 3.07 5.01
C PHE A 325 -16.05 3.52 6.33
N VAL A 326 -15.29 2.60 6.95
CA VAL A 326 -14.62 2.81 8.20
C VAL A 326 -13.13 2.95 7.88
N GLY A 327 -12.64 4.19 7.87
CA GLY A 327 -11.24 4.45 7.62
C GLY A 327 -10.45 4.34 8.93
N SER A 328 -9.44 3.45 8.94
CA SER A 328 -8.72 3.17 10.17
C SER A 328 -7.26 3.49 9.97
N ARG A 329 -6.64 4.08 11.00
CA ARG A 329 -5.19 4.24 11.02
C ARG A 329 -4.54 3.26 11.99
N LEU A 330 -5.30 2.67 12.93
CA LEU A 330 -4.75 1.73 13.92
C LEU A 330 -5.03 0.27 13.60
N GLY A 331 -5.96 0.02 12.71
CA GLY A 331 -6.27 -1.32 12.22
C GLY A 331 -6.71 -1.33 10.77
N ASP A 332 -7.30 -2.43 10.37
CA ASP A 332 -7.77 -2.58 9.00
C ASP A 332 -8.98 -1.67 8.80
N SER A 333 -9.03 -1.05 7.63
CA SER A 333 -10.26 -0.33 7.23
C SER A 333 -11.36 -1.34 6.84
N GLN A 334 -12.60 -0.86 6.76
CA GLN A 334 -13.70 -1.79 6.50
C GLN A 334 -14.79 -1.11 5.68
N LEU A 335 -15.53 -1.92 4.93
CA LEU A 335 -16.92 -1.62 4.59
C LEU A 335 -17.82 -2.38 5.53
N VAL A 336 -18.79 -1.69 6.13
CA VAL A 336 -19.72 -2.38 6.99
C VAL A 336 -21.13 -1.99 6.55
N LYS A 337 -22.07 -2.86 6.87
CA LYS A 337 -23.48 -2.64 6.59
C LYS A 337 -24.21 -2.39 7.90
N LEU A 338 -25.13 -1.41 7.88
CA LEU A 338 -25.98 -1.12 9.01
C LEU A 338 -27.37 -1.67 8.67
N ASN A 339 -27.83 -2.62 9.46
CA ASN A 339 -29.15 -3.21 9.27
C ASN A 339 -30.17 -2.43 10.07
N VAL A 340 -31.40 -2.35 9.53
CA VAL A 340 -32.52 -1.76 10.25
C VAL A 340 -32.77 -2.57 11.53
N ASP A 341 -32.63 -3.90 11.43
CA ASP A 341 -32.91 -4.81 12.53
C ASP A 341 -31.61 -5.37 13.07
N SER A 342 -31.55 -5.57 14.39
CA SER A 342 -30.35 -6.08 15.04
C SER A 342 -30.24 -7.59 14.86
N ASN A 343 -29.12 -8.14 15.30
CA ASN A 343 -28.87 -9.58 15.26
C ASN A 343 -29.02 -10.11 16.69
N GLU A 344 -28.54 -11.35 16.93
CA GLU A 344 -28.79 -12.08 18.17
C GLU A 344 -27.98 -11.45 19.31
N GLN A 345 -26.81 -10.89 18.98
CA GLN A 345 -25.96 -10.25 19.98
C GLN A 345 -26.46 -8.83 20.27
N GLY A 346 -27.29 -8.27 19.37
CA GLY A 346 -27.85 -6.92 19.57
C GLY A 346 -27.21 -5.88 18.64
N SER A 347 -26.40 -6.35 17.68
CA SER A 347 -25.62 -5.47 16.82
C SER A 347 -26.35 -5.23 15.51
N TYR A 348 -26.30 -3.98 15.05
CA TYR A 348 -26.86 -3.61 13.76
C TYR A 348 -25.77 -3.61 12.68
N VAL A 349 -24.51 -3.87 13.11
CA VAL A 349 -23.36 -3.76 12.22
C VAL A 349 -22.94 -5.14 11.73
N VAL A 350 -22.82 -5.28 10.41
CA VAL A 350 -22.24 -6.46 9.80
C VAL A 350 -21.12 -6.05 8.87
N ALA A 351 -19.92 -6.64 9.09
CA ALA A 351 -18.77 -6.36 8.24
C ALA A 351 -18.95 -6.98 6.85
N MET A 352 -18.68 -6.19 5.81
CA MET A 352 -18.82 -6.62 4.43
C MET A 352 -17.46 -6.91 3.81
N GLU A 353 -16.48 -6.05 4.09
CA GLU A 353 -15.16 -6.17 3.49
C GLU A 353 -14.13 -5.54 4.41
N THR A 354 -12.92 -6.11 4.39
CA THR A 354 -11.80 -5.69 5.21
C THR A 354 -10.67 -5.29 4.27
N PHE A 355 -9.99 -4.18 4.59
CA PHE A 355 -8.89 -3.68 3.78
C PHE A 355 -7.61 -3.61 4.61
N THR A 356 -6.52 -4.21 4.11
CA THR A 356 -5.28 -4.32 4.88
C THR A 356 -4.76 -2.94 5.29
N ASN A 357 -4.37 -2.84 6.56
CA ASN A 357 -3.55 -1.75 7.06
C ASN A 357 -2.42 -2.33 7.88
N LEU A 358 -1.18 -2.00 7.49
CA LEU A 358 -0.02 -2.45 8.21
C LEU A 358 0.32 -1.50 9.36
N GLY A 359 -0.32 -0.33 9.39
CA GLY A 359 0.16 0.72 10.29
C GLY A 359 -0.53 0.74 11.63
N PRO A 360 0.08 1.36 12.66
CA PRO A 360 1.51 1.69 12.65
C PRO A 360 2.38 0.45 12.66
N ILE A 361 3.51 0.51 11.94
CA ILE A 361 4.53 -0.52 12.10
C ILE A 361 5.46 -0.06 13.22
N VAL A 362 5.43 -0.72 14.40
CA VAL A 362 6.16 -0.17 15.52
C VAL A 362 7.49 -0.89 15.68
N ASP A 363 7.59 -2.11 15.14
CA ASP A 363 8.84 -2.84 15.02
C ASP A 363 8.69 -3.89 13.93
N MET A 364 9.81 -4.45 13.49
CA MET A 364 9.78 -5.47 12.46
C MET A 364 11.09 -6.21 12.49
N CYS A 365 11.07 -7.38 11.91
CA CYS A 365 12.32 -8.09 11.61
C CYS A 365 12.17 -8.87 10.31
N VAL A 366 13.32 -9.26 9.74
CA VAL A 366 13.33 -10.05 8.54
C VAL A 366 13.80 -11.46 8.89
N VAL A 367 13.07 -12.45 8.40
CA VAL A 367 13.41 -13.84 8.63
C VAL A 367 13.19 -14.64 7.34
N ASP A 368 14.06 -15.62 7.09
CA ASP A 368 13.83 -16.55 5.99
C ASP A 368 13.00 -17.74 6.51
N LEU A 369 11.69 -17.53 6.66
CA LEU A 369 10.79 -18.45 7.35
C LEU A 369 10.73 -19.80 6.63
N GLU A 370 10.63 -19.76 5.29
CA GLU A 370 10.25 -20.93 4.50
C GLU A 370 11.47 -21.52 3.80
N ARG A 371 12.15 -20.70 2.99
CA ARG A 371 13.31 -21.14 2.25
C ARG A 371 14.48 -20.20 2.52
N GLN A 372 15.71 -20.70 2.32
CA GLN A 372 16.93 -19.91 2.45
C GLN A 372 16.97 -18.82 1.37
N GLY A 373 17.39 -17.61 1.78
CA GLY A 373 17.58 -16.50 0.84
C GLY A 373 16.26 -15.86 0.41
N GLN A 374 15.13 -16.34 0.96
CA GLN A 374 13.83 -15.74 0.69
C GLN A 374 13.33 -15.01 1.94
N GLY A 375 13.69 -13.74 2.09
CA GLY A 375 13.32 -13.02 3.29
C GLY A 375 11.84 -12.77 3.35
N GLN A 376 11.28 -12.79 4.57
CA GLN A 376 9.94 -12.27 4.82
C GLN A 376 10.01 -11.26 5.96
N LEU A 377 9.19 -10.24 5.90
CA LEU A 377 9.14 -9.24 6.94
C LEU A 377 8.00 -9.58 7.90
N VAL A 378 8.31 -9.60 9.20
CA VAL A 378 7.32 -9.81 10.24
C VAL A 378 7.21 -8.54 11.08
N THR A 379 6.06 -7.84 10.99
CA THR A 379 5.87 -6.57 11.64
C THR A 379 5.03 -6.75 12.91
N CYS A 380 5.31 -5.89 13.88
CA CYS A 380 4.37 -5.51 14.90
C CYS A 380 3.52 -4.37 14.38
N SER A 381 2.21 -4.62 14.19
CA SER A 381 1.34 -3.70 13.50
C SER A 381 0.13 -3.37 14.38
N GLY A 382 -0.44 -2.18 14.14
CA GLY A 382 -1.71 -1.83 14.76
C GLY A 382 -1.55 -1.52 16.24
N ALA A 383 -2.69 -1.24 16.90
CA ALA A 383 -2.68 -0.97 18.33
C ALA A 383 -3.99 -1.42 18.94
N PHE A 384 -3.98 -1.61 20.27
CA PHE A 384 -5.18 -1.98 21.01
C PHE A 384 -5.79 -3.24 20.43
N LYS A 385 -7.13 -3.27 20.27
CA LYS A 385 -7.81 -4.46 19.84
C LYS A 385 -7.44 -4.84 18.41
N GLU A 386 -6.79 -3.89 17.69
CA GLU A 386 -6.40 -4.11 16.31
C GLU A 386 -4.99 -4.65 16.18
N GLY A 387 -4.28 -4.75 17.30
CA GLY A 387 -2.87 -5.13 17.24
C GLY A 387 -2.67 -6.51 16.59
N SER A 388 -1.57 -6.66 15.84
CA SER A 388 -1.37 -7.85 15.05
C SER A 388 0.10 -8.05 14.77
N LEU A 389 0.45 -9.27 14.37
CA LEU A 389 1.64 -9.46 13.55
C LEU A 389 1.23 -9.54 12.10
N ARG A 390 2.09 -9.03 11.21
CA ARG A 390 1.85 -9.19 9.78
C ARG A 390 3.10 -9.80 9.18
N ILE A 391 2.90 -10.81 8.35
CA ILE A 391 4.00 -11.51 7.69
C ILE A 391 3.90 -11.20 6.20
N ILE A 392 4.92 -10.54 5.66
CA ILE A 392 4.88 -9.94 4.35
C ILE A 392 5.94 -10.62 3.46
N ARG A 393 5.51 -11.07 2.27
CA ARG A 393 6.46 -11.72 1.39
C ARG A 393 6.12 -11.38 -0.05
N ASN A 394 7.17 -11.29 -0.88
CA ASN A 394 7.02 -10.95 -2.29
C ASN A 394 6.42 -12.14 -3.06
N GLY A 395 5.61 -11.82 -4.06
CA GLY A 395 5.25 -12.77 -5.08
C GLY A 395 3.97 -13.53 -4.77
N ILE A 396 3.47 -14.21 -5.82
CA ILE A 396 2.17 -14.88 -5.77
C ILE A 396 2.38 -16.38 -5.63
N GLY A 397 1.70 -16.96 -4.64
CA GLY A 397 1.81 -18.39 -4.38
C GLY A 397 0.81 -19.21 -5.22
N ILE A 398 1.19 -20.48 -5.42
CA ILE A 398 0.33 -21.49 -6.01
C ILE A 398 0.12 -22.62 -4.97
N HIS A 399 -1.13 -23.04 -4.76
CA HIS A 399 -1.41 -24.22 -3.93
C HIS A 399 -1.63 -25.45 -4.81
N GLU A 400 -0.61 -26.30 -4.88
CA GLU A 400 -0.57 -27.50 -5.72
C GLU A 400 -1.53 -28.56 -5.14
N HIS A 401 -2.43 -29.05 -5.99
CA HIS A 401 -3.42 -30.04 -5.57
C HIS A 401 -3.26 -31.35 -6.32
N ALA A 402 -2.41 -31.36 -7.37
CA ALA A 402 -2.11 -32.59 -8.08
C ALA A 402 -0.77 -32.45 -8.79
N SER A 403 -0.09 -33.58 -9.02
CA SER A 403 1.25 -33.59 -9.57
C SER A 403 1.48 -34.92 -10.30
N ILE A 404 1.77 -34.83 -11.61
CA ILE A 404 1.82 -36.01 -12.45
C ILE A 404 3.13 -36.01 -13.20
N ASP A 405 3.87 -37.12 -13.12
CA ASP A 405 5.09 -37.28 -13.89
C ASP A 405 4.72 -37.51 -15.36
N LEU A 406 5.13 -36.59 -16.23
CA LEU A 406 4.60 -36.51 -17.59
C LEU A 406 5.44 -35.54 -18.40
N PRO A 407 6.60 -36.00 -18.92
CA PRO A 407 7.55 -35.12 -19.57
C PRO A 407 7.18 -34.76 -21.01
N GLY A 408 7.71 -33.62 -21.48
CA GLY A 408 7.74 -33.28 -22.90
C GLY A 408 6.46 -32.56 -23.34
N ILE A 409 5.68 -32.04 -22.39
CA ILE A 409 4.44 -31.33 -22.70
C ILE A 409 4.78 -30.07 -23.51
N LYS A 410 4.04 -29.86 -24.61
CA LYS A 410 4.27 -28.71 -25.50
C LYS A 410 3.02 -27.83 -25.61
N GLY A 411 2.00 -28.10 -24.81
CA GLY A 411 0.80 -27.27 -24.77
C GLY A 411 -0.32 -27.95 -23.99
N LEU A 412 -1.26 -27.14 -23.49
CA LEU A 412 -2.33 -27.57 -22.62
C LEU A 412 -3.59 -26.83 -23.03
N TRP A 413 -4.72 -27.56 -23.11
CA TRP A 413 -6.02 -26.93 -23.43
C TRP A 413 -7.11 -27.61 -22.62
N PRO A 414 -8.00 -26.83 -21.98
CA PRO A 414 -9.13 -27.39 -21.28
C PRO A 414 -10.28 -27.54 -22.26
N LEU A 415 -11.12 -28.56 -22.05
CA LEU A 415 -12.30 -28.83 -22.86
C LEU A 415 -13.47 -29.21 -21.95
N ARG A 416 -14.70 -28.84 -22.39
CA ARG A 416 -15.94 -29.42 -21.90
C ARG A 416 -16.47 -30.45 -22.92
N SER A 417 -16.31 -31.73 -22.59
CA SER A 417 -16.73 -32.80 -23.49
C SER A 417 -18.24 -33.03 -23.41
N ASP A 418 -18.89 -32.43 -22.41
CA ASP A 418 -20.33 -32.57 -22.25
C ASP A 418 -20.98 -31.21 -22.42
N PRO A 419 -21.82 -31.00 -23.46
CA PRO A 419 -22.37 -29.67 -23.77
C PRO A 419 -23.40 -29.17 -22.76
N ASN A 420 -23.77 -30.03 -21.80
CA ASN A 420 -24.76 -29.67 -20.79
C ASN A 420 -24.12 -29.60 -19.41
N ARG A 421 -22.78 -29.46 -19.35
CA ARG A 421 -22.08 -29.24 -18.10
C ARG A 421 -21.17 -28.03 -18.27
N GLU A 422 -21.18 -27.15 -17.26
CA GLU A 422 -20.53 -25.85 -17.32
C GLU A 422 -19.02 -26.02 -17.14
N THR A 423 -18.62 -27.10 -16.46
CA THR A 423 -17.25 -27.27 -16.04
C THR A 423 -16.46 -28.06 -17.08
N ASP A 424 -15.16 -27.83 -17.11
CA ASP A 424 -14.23 -28.61 -17.89
C ASP A 424 -14.20 -30.03 -17.36
N ASP A 425 -13.96 -30.99 -18.25
CA ASP A 425 -13.81 -32.37 -17.82
C ASP A 425 -12.66 -33.04 -18.55
N THR A 426 -11.91 -32.25 -19.33
CA THR A 426 -10.94 -32.81 -20.23
C THR A 426 -9.74 -31.87 -20.27
N LEU A 427 -8.56 -32.44 -20.31
CA LEU A 427 -7.36 -31.67 -20.53
C LEU A 427 -6.59 -32.30 -21.67
N VAL A 428 -6.33 -31.51 -22.73
CA VAL A 428 -5.62 -32.00 -23.87
C VAL A 428 -4.19 -31.52 -23.81
N LEU A 429 -3.24 -32.47 -24.01
CA LEU A 429 -1.82 -32.19 -23.96
C LEU A 429 -1.21 -32.41 -25.34
N SER A 430 -0.34 -31.51 -25.75
N SER A 430 -0.32 -31.50 -25.77
CA SER A 430 0.48 -31.70 -26.91
CA SER A 430 0.47 -31.70 -26.96
C SER A 430 1.85 -32.24 -26.50
C SER A 430 1.90 -32.08 -26.58
N PHE A 431 2.52 -32.88 -27.46
CA PHE A 431 3.91 -33.29 -27.38
C PHE A 431 4.50 -33.16 -28.77
N VAL A 432 5.81 -33.34 -28.90
CA VAL A 432 6.39 -33.32 -30.22
C VAL A 432 5.71 -34.42 -31.04
N GLY A 433 5.05 -33.99 -32.13
CA GLY A 433 4.45 -34.92 -33.07
C GLY A 433 3.25 -35.73 -32.53
N GLN A 434 2.70 -35.39 -31.34
CA GLN A 434 1.67 -36.23 -30.73
C GLN A 434 0.72 -35.43 -29.83
N THR A 435 -0.47 -36.00 -29.56
CA THR A 435 -1.47 -35.40 -28.67
C THR A 435 -2.00 -36.49 -27.75
N ARG A 436 -2.30 -36.12 -26.50
CA ARG A 436 -2.97 -37.00 -25.57
C ARG A 436 -4.13 -36.28 -24.93
N VAL A 437 -5.18 -37.03 -24.62
CA VAL A 437 -6.32 -36.48 -23.95
C VAL A 437 -6.45 -37.10 -22.56
N LEU A 438 -6.53 -36.25 -21.54
CA LEU A 438 -6.80 -36.68 -20.18
C LEU A 438 -8.24 -36.35 -19.84
N MET A 439 -8.99 -37.37 -19.33
CA MET A 439 -10.31 -37.14 -18.74
C MET A 439 -10.14 -36.91 -17.24
N LEU A 440 -10.97 -36.02 -16.69
CA LEU A 440 -10.99 -35.75 -15.27
C LEU A 440 -12.30 -36.29 -14.71
N ASN A 441 -12.19 -37.31 -13.85
CA ASN A 441 -13.32 -37.76 -13.04
C ASN A 441 -12.96 -37.49 -11.57
N GLY A 442 -13.66 -36.52 -10.98
CA GLY A 442 -13.26 -35.95 -9.70
C GLY A 442 -11.79 -35.56 -9.71
N GLU A 443 -11.03 -36.10 -8.74
CA GLU A 443 -9.62 -35.79 -8.61
C GLU A 443 -8.80 -36.75 -9.46
N GLU A 444 -9.46 -37.80 -9.96
CA GLU A 444 -8.79 -38.78 -10.81
C GLU A 444 -8.57 -38.16 -12.19
N VAL A 445 -7.38 -38.44 -12.74
CA VAL A 445 -6.97 -37.97 -14.05
C VAL A 445 -6.55 -39.21 -14.86
N GLU A 446 -7.45 -39.67 -15.74
CA GLU A 446 -7.20 -40.86 -16.53
C GLU A 446 -6.98 -40.44 -17.98
N GLU A 447 -6.00 -41.07 -18.64
CA GLU A 447 -5.84 -40.93 -20.08
C GLU A 447 -7.02 -41.60 -20.79
N THR A 448 -7.26 -41.20 -22.03
CA THR A 448 -8.42 -41.66 -22.80
C THR A 448 -8.23 -41.30 -24.27
N GLU A 449 -9.10 -41.82 -25.14
CA GLU A 449 -9.22 -41.32 -26.50
C GLU A 449 -10.37 -40.32 -26.53
N LEU A 450 -10.35 -39.41 -27.51
CA LEU A 450 -11.53 -38.59 -27.80
C LEU A 450 -11.80 -38.66 -29.28
N MET A 451 -12.92 -39.31 -29.61
CA MET A 451 -13.24 -39.60 -31.00
C MET A 451 -13.26 -38.27 -31.73
N GLY A 452 -12.67 -38.26 -32.92
CA GLY A 452 -12.65 -37.07 -33.73
C GLY A 452 -11.28 -36.40 -33.67
N PHE A 453 -10.65 -36.45 -32.49
CA PHE A 453 -9.28 -35.94 -32.36
C PHE A 453 -8.28 -37.01 -32.79
N VAL A 454 -7.16 -36.56 -33.34
CA VAL A 454 -6.06 -37.46 -33.68
C VAL A 454 -5.01 -37.38 -32.58
N ASP A 455 -4.25 -38.47 -32.41
CA ASP A 455 -3.27 -38.57 -31.35
C ASP A 455 -1.87 -38.62 -31.94
N ASP A 456 -1.75 -38.60 -33.28
CA ASP A 456 -0.48 -38.82 -33.96
C ASP A 456 -0.01 -37.56 -34.68
N GLN A 457 -0.57 -36.42 -34.32
CA GLN A 457 -0.10 -35.12 -34.77
C GLN A 457 -0.02 -34.22 -33.53
N GLN A 458 0.87 -33.23 -33.56
CA GLN A 458 0.98 -32.26 -32.49
C GLN A 458 -0.18 -31.27 -32.63
N THR A 459 -0.90 -31.04 -31.53
CA THR A 459 -1.98 -30.05 -31.48
C THR A 459 -1.39 -28.68 -31.20
N PHE A 460 -1.93 -27.66 -31.90
CA PHE A 460 -1.58 -26.27 -31.71
C PHE A 460 -2.70 -25.51 -30.98
N PHE A 461 -3.92 -26.04 -31.06
CA PHE A 461 -5.04 -25.49 -30.36
C PHE A 461 -6.14 -26.54 -30.33
N CYS A 462 -6.85 -26.65 -29.22
CA CYS A 462 -8.11 -27.36 -29.24
C CYS A 462 -9.04 -26.74 -28.22
N GLY A 463 -10.33 -26.89 -28.47
CA GLY A 463 -11.29 -26.30 -27.56
C GLY A 463 -12.73 -26.42 -28.03
N ASN A 464 -13.61 -25.85 -27.20
CA ASN A 464 -15.03 -25.73 -27.49
C ASN A 464 -15.25 -24.62 -28.50
N VAL A 465 -16.12 -24.86 -29.49
CA VAL A 465 -16.42 -23.85 -30.48
C VAL A 465 -17.93 -23.85 -30.70
N ALA A 466 -18.37 -22.96 -31.60
CA ALA A 466 -19.80 -22.70 -31.84
C ALA A 466 -20.55 -23.95 -32.32
N HIS A 467 -21.86 -23.92 -32.08
CA HIS A 467 -22.77 -24.93 -32.59
C HIS A 467 -22.53 -26.28 -31.93
N GLN A 468 -22.15 -26.27 -30.64
CA GLN A 468 -21.94 -27.47 -29.85
C GLN A 468 -20.94 -28.36 -30.57
N GLN A 469 -19.77 -27.79 -30.87
CA GLN A 469 -18.72 -28.51 -31.57
C GLN A 469 -17.40 -28.32 -30.79
N LEU A 470 -16.46 -29.21 -31.09
CA LEU A 470 -15.08 -29.11 -30.66
C LEU A 470 -14.20 -28.89 -31.88
N ILE A 471 -13.02 -28.30 -31.66
CA ILE A 471 -12.03 -28.11 -32.71
C ILE A 471 -10.68 -28.60 -32.21
N GLN A 472 -9.96 -29.21 -33.13
CA GLN A 472 -8.54 -29.56 -32.95
C GLN A 472 -7.78 -29.07 -34.15
N ILE A 473 -6.74 -28.25 -33.90
CA ILE A 473 -5.88 -27.77 -34.96
C ILE A 473 -4.50 -28.37 -34.75
N THR A 474 -4.06 -29.15 -35.71
CA THR A 474 -2.76 -29.83 -35.63
C THR A 474 -1.85 -29.24 -36.67
N SER A 475 -0.63 -29.79 -36.77
CA SER A 475 0.24 -29.47 -37.89
C SER A 475 -0.33 -29.91 -39.24
N ALA A 476 -1.25 -30.89 -39.26
CA ALA A 476 -1.77 -31.42 -40.53
C ALA A 476 -3.06 -30.72 -41.00
N SER A 477 -3.94 -30.35 -40.09
CA SER A 477 -5.30 -29.97 -40.48
C SER A 477 -6.04 -29.31 -39.34
N VAL A 478 -7.19 -28.74 -39.68
CA VAL A 478 -8.17 -28.27 -38.74
C VAL A 478 -9.32 -29.29 -38.75
N ARG A 479 -9.65 -29.82 -37.58
CA ARG A 479 -10.66 -30.85 -37.42
C ARG A 479 -11.81 -30.33 -36.56
N LEU A 480 -13.03 -30.39 -37.14
CA LEU A 480 -14.24 -29.97 -36.46
C LEU A 480 -15.05 -31.21 -36.06
N VAL A 481 -15.46 -31.28 -34.80
CA VAL A 481 -16.02 -32.48 -34.20
C VAL A 481 -17.37 -32.15 -33.55
N SER A 482 -18.38 -33.00 -33.78
CA SER A 482 -19.66 -32.78 -33.13
C SER A 482 -19.55 -33.20 -31.66
N GLN A 483 -20.40 -32.65 -30.81
CA GLN A 483 -20.40 -33.03 -29.40
C GLN A 483 -21.14 -34.36 -29.16
N GLU A 484 -22.25 -34.58 -29.88
CA GLU A 484 -23.09 -35.74 -29.56
C GLU A 484 -23.63 -36.37 -30.84
N PRO A 485 -23.11 -37.51 -31.31
CA PRO A 485 -21.92 -38.16 -30.74
C PRO A 485 -20.64 -37.43 -31.18
N LYS A 486 -19.50 -37.87 -30.67
CA LYS A 486 -18.21 -37.31 -31.09
C LYS A 486 -17.81 -37.88 -32.44
N ALA A 487 -17.93 -37.06 -33.50
CA ALA A 487 -17.64 -37.49 -34.85
C ALA A 487 -16.97 -36.34 -35.60
N LEU A 488 -16.10 -36.68 -36.53
CA LEU A 488 -15.54 -35.68 -37.44
C LEU A 488 -16.62 -35.17 -38.38
N VAL A 489 -16.88 -33.86 -38.36
CA VAL A 489 -17.91 -33.29 -39.21
C VAL A 489 -17.33 -32.37 -40.29
N SER A 490 -16.06 -31.97 -40.17
CA SER A 490 -15.46 -31.14 -41.20
C SER A 490 -13.95 -31.15 -40.97
N GLU A 491 -13.19 -31.10 -42.05
CA GLU A 491 -11.73 -31.05 -41.91
C GLU A 491 -11.18 -30.10 -42.97
N TRP A 492 -10.38 -29.12 -42.55
CA TRP A 492 -9.76 -28.20 -43.47
C TRP A 492 -8.27 -28.51 -43.57
N LYS A 493 -7.78 -28.48 -44.82
CA LYS A 493 -6.37 -28.55 -45.11
C LYS A 493 -6.02 -27.47 -46.11
N GLU A 494 -4.77 -27.03 -46.06
CA GLU A 494 -4.21 -26.14 -47.04
C GLU A 494 -4.28 -26.82 -48.41
N PRO A 495 -4.40 -26.08 -49.52
CA PRO A 495 -4.70 -26.71 -50.82
C PRO A 495 -3.75 -27.84 -51.26
N GLN A 496 -2.46 -27.77 -50.87
CA GLN A 496 -1.48 -28.79 -51.19
C GLN A 496 -1.08 -29.58 -49.93
N ALA A 497 -1.92 -29.47 -48.90
CA ALA A 497 -1.76 -30.20 -47.65
C ALA A 497 -0.42 -29.91 -46.99
N LYS A 498 0.07 -28.68 -47.15
CA LYS A 498 1.25 -28.21 -46.42
C LYS A 498 0.90 -28.13 -44.93
N ASN A 499 1.92 -28.21 -44.07
CA ASN A 499 1.72 -28.16 -42.63
C ASN A 499 1.25 -26.78 -42.17
N ILE A 500 0.33 -26.79 -41.21
CA ILE A 500 0.01 -25.59 -40.45
C ILE A 500 1.16 -25.33 -39.49
N SER A 501 1.58 -24.06 -39.40
CA SER A 501 2.71 -23.68 -38.56
C SER A 501 2.31 -22.88 -37.33
N VAL A 502 1.17 -22.15 -37.39
CA VAL A 502 0.67 -21.33 -36.28
C VAL A 502 -0.85 -21.38 -36.33
N ALA A 503 -1.50 -21.41 -35.16
CA ALA A 503 -2.96 -21.40 -35.09
C ALA A 503 -3.46 -20.44 -34.02
N SER A 504 -4.58 -19.80 -34.35
N SER A 504 -4.57 -19.75 -34.32
CA SER A 504 -5.34 -19.05 -33.40
CA SER A 504 -5.33 -19.05 -33.31
C SER A 504 -6.80 -19.44 -33.61
C SER A 504 -6.81 -19.21 -33.63
N CYS A 505 -7.60 -19.33 -32.56
CA CYS A 505 -8.97 -19.74 -32.64
C CYS A 505 -9.77 -19.07 -31.52
N ASN A 506 -11.02 -18.67 -31.85
CA ASN A 506 -12.00 -18.31 -30.83
C ASN A 506 -13.23 -19.20 -31.05
N SER A 507 -14.39 -18.80 -30.53
CA SER A 507 -15.55 -19.66 -30.62
C SER A 507 -16.01 -19.84 -32.06
N SER A 508 -15.79 -18.86 -32.95
CA SER A 508 -16.39 -18.95 -34.26
C SER A 508 -15.42 -18.66 -35.42
N GLN A 509 -14.15 -18.33 -35.10
CA GLN A 509 -13.23 -17.91 -36.13
C GLN A 509 -11.91 -18.67 -35.91
N VAL A 510 -11.22 -18.94 -37.02
CA VAL A 510 -9.89 -19.57 -37.01
C VAL A 510 -8.96 -18.78 -37.91
N VAL A 511 -7.73 -18.52 -37.45
CA VAL A 511 -6.73 -18.05 -38.37
C VAL A 511 -5.52 -18.97 -38.23
N VAL A 512 -5.11 -19.56 -39.34
CA VAL A 512 -3.94 -20.42 -39.35
C VAL A 512 -2.91 -19.85 -40.30
N ALA A 513 -1.63 -20.06 -39.95
CA ALA A 513 -0.56 -19.74 -40.87
C ALA A 513 0.00 -21.02 -41.43
N VAL A 514 0.49 -20.90 -42.66
CA VAL A 514 1.24 -21.91 -43.34
C VAL A 514 2.47 -21.23 -43.92
N GLY A 515 3.55 -21.18 -43.16
CA GLY A 515 4.71 -20.38 -43.54
C GLY A 515 4.40 -18.88 -43.53
N ARG A 516 4.32 -18.29 -44.73
N ARG A 516 4.33 -18.27 -44.72
CA ARG A 516 4.00 -16.90 -44.90
CA ARG A 516 3.97 -16.86 -44.84
C ARG A 516 2.51 -16.71 -45.15
C ARG A 516 2.47 -16.73 -45.05
N ALA A 517 1.81 -17.82 -45.47
CA ALA A 517 0.39 -17.74 -45.84
C ALA A 517 -0.48 -17.71 -44.60
N LEU A 518 -1.59 -16.96 -44.66
CA LEU A 518 -2.60 -16.94 -43.61
C LEU A 518 -3.92 -17.35 -44.24
N TYR A 519 -4.71 -18.13 -43.49
CA TYR A 519 -6.07 -18.50 -43.89
C TYR A 519 -7.01 -18.17 -42.76
N TYR A 520 -8.18 -17.62 -43.15
CA TYR A 520 -9.23 -17.27 -42.20
C TYR A 520 -10.43 -18.16 -42.45
N LEU A 521 -10.79 -18.94 -41.43
CA LEU A 521 -11.91 -19.85 -41.48
C LEU A 521 -12.99 -19.37 -40.52
N GLN A 522 -14.25 -19.66 -40.85
CA GLN A 522 -15.32 -19.49 -39.90
C GLN A 522 -15.89 -20.84 -39.54
N ILE A 523 -16.34 -20.97 -38.29
CA ILE A 523 -16.92 -22.20 -37.79
C ILE A 523 -18.45 -22.10 -37.93
N HIS A 524 -19.01 -23.00 -38.71
CA HIS A 524 -20.45 -23.07 -38.92
C HIS A 524 -20.91 -24.48 -38.55
N PRO A 525 -22.23 -24.77 -38.56
CA PRO A 525 -22.71 -26.12 -38.28
C PRO A 525 -22.17 -27.15 -39.26
N GLN A 526 -21.39 -28.11 -38.76
CA GLN A 526 -20.77 -29.16 -39.55
C GLN A 526 -19.97 -28.60 -40.72
N GLU A 527 -19.34 -27.42 -40.54
CA GLU A 527 -18.63 -26.82 -41.63
C GLU A 527 -17.50 -25.92 -41.14
N LEU A 528 -16.29 -26.13 -41.69
CA LEU A 528 -15.23 -25.12 -41.64
C LEU A 528 -15.22 -24.38 -42.96
N ARG A 529 -15.61 -23.13 -42.92
CA ARG A 529 -15.73 -22.35 -44.14
C ARG A 529 -14.49 -21.48 -44.35
N GLN A 530 -13.79 -21.70 -45.45
CA GLN A 530 -12.66 -20.84 -45.79
C GLN A 530 -13.16 -19.51 -46.34
N ILE A 531 -12.80 -18.42 -45.67
CA ILE A 531 -13.32 -17.10 -46.00
C ILE A 531 -12.32 -16.37 -46.89
N SER A 532 -11.05 -16.33 -46.46
CA SER A 532 -10.06 -15.49 -47.11
C SER A 532 -8.67 -16.03 -46.82
N HIS A 533 -7.71 -15.59 -47.61
CA HIS A 533 -6.30 -15.88 -47.34
C HIS A 533 -5.41 -14.75 -47.81
N THR A 534 -4.16 -14.74 -47.32
CA THR A 534 -3.19 -13.78 -47.80
C THR A 534 -1.79 -14.37 -47.69
N GLU A 535 -0.83 -13.71 -48.36
N GLU A 535 -0.81 -13.67 -48.26
CA GLU A 535 0.59 -13.92 -48.14
CA GLU A 535 0.59 -14.03 -48.09
C GLU A 535 1.16 -12.76 -47.32
C GLU A 535 1.32 -12.85 -47.44
N MET A 536 1.84 -13.06 -46.21
CA MET A 536 2.56 -12.02 -45.50
C MET A 536 3.93 -11.80 -46.14
N GLU A 537 4.53 -10.64 -45.87
CA GLU A 537 5.84 -10.27 -46.38
C GLU A 537 6.92 -11.20 -45.84
N HIS A 538 6.71 -11.73 -44.62
CA HIS A 538 7.70 -12.59 -43.96
C HIS A 538 6.99 -13.78 -43.36
N GLU A 539 7.76 -14.78 -42.94
CA GLU A 539 7.22 -15.93 -42.23
C GLU A 539 6.48 -15.47 -40.98
N VAL A 540 5.33 -16.12 -40.68
CA VAL A 540 4.55 -15.80 -39.50
C VAL A 540 5.11 -16.50 -38.27
N ALA A 541 5.27 -15.74 -37.20
CA ALA A 541 5.82 -16.23 -35.94
C ALA A 541 4.71 -16.56 -34.94
N CYS A 542 3.66 -15.71 -34.87
CA CYS A 542 2.60 -15.89 -33.88
C CYS A 542 1.34 -15.13 -34.32
N LEU A 543 0.20 -15.58 -33.77
CA LEU A 543 -1.11 -15.07 -34.15
C LEU A 543 -1.99 -14.95 -32.91
N ASP A 544 -2.98 -14.01 -32.95
CA ASP A 544 -4.05 -13.99 -31.97
C ASP A 544 -5.29 -13.33 -32.58
N ILE A 545 -6.46 -13.85 -32.20
CA ILE A 545 -7.76 -13.32 -32.62
C ILE A 545 -8.71 -13.27 -31.44
N THR A 546 -8.19 -12.97 -30.25
CA THR A 546 -9.04 -12.88 -29.08
C THR A 546 -10.04 -11.75 -29.29
N PRO A 547 -11.37 -11.98 -29.13
CA PRO A 547 -12.36 -10.90 -29.32
C PRO A 547 -12.43 -10.03 -28.08
N LEU A 548 -12.38 -8.71 -28.26
CA LEU A 548 -12.41 -7.79 -27.13
C LEU A 548 -13.72 -7.00 -27.18
N GLY A 549 -14.15 -6.52 -26.00
CA GLY A 549 -15.21 -5.54 -25.89
C GLY A 549 -16.58 -6.17 -26.07
N ASP A 550 -17.54 -5.36 -26.56
CA ASP A 550 -18.90 -5.82 -26.81
C ASP A 550 -18.98 -6.37 -28.24
N SER A 551 -18.28 -7.50 -28.47
CA SER A 551 -17.95 -7.96 -29.82
C SER A 551 -18.77 -9.19 -30.17
N ASN A 552 -19.53 -9.73 -29.20
CA ASN A 552 -20.37 -10.90 -29.45
C ASN A 552 -19.48 -12.09 -29.86
N GLY A 553 -18.24 -12.09 -29.37
CA GLY A 553 -17.36 -13.24 -29.53
C GLY A 553 -16.67 -13.24 -30.89
N LEU A 554 -16.85 -12.19 -31.68
CA LEU A 554 -16.26 -12.11 -33.01
C LEU A 554 -15.17 -11.06 -33.02
N SER A 555 -14.01 -11.41 -33.61
CA SER A 555 -12.94 -10.45 -33.77
C SER A 555 -12.93 -9.88 -35.19
N PRO A 556 -12.97 -8.55 -35.35
CA PRO A 556 -12.68 -7.94 -36.64
C PRO A 556 -11.19 -7.75 -36.89
N LEU A 557 -10.36 -8.16 -35.90
CA LEU A 557 -8.93 -7.93 -35.93
C LEU A 557 -8.18 -9.25 -35.81
N CYS A 558 -7.02 -9.28 -36.46
CA CYS A 558 -6.07 -10.35 -36.27
C CYS A 558 -4.74 -9.71 -35.90
N ALA A 559 -4.16 -10.13 -34.79
CA ALA A 559 -2.84 -9.66 -34.41
C ALA A 559 -1.82 -10.69 -34.86
N ILE A 560 -0.69 -10.22 -35.36
CA ILE A 560 0.31 -11.10 -35.93
C ILE A 560 1.70 -10.60 -35.61
N GLY A 561 2.59 -11.53 -35.33
CA GLY A 561 4.03 -11.26 -35.21
C GLY A 561 4.78 -11.95 -36.35
N LEU A 562 5.78 -11.26 -36.94
CA LEU A 562 6.50 -11.79 -38.09
C LEU A 562 7.98 -11.99 -37.76
N TRP A 563 8.58 -12.97 -38.43
CA TRP A 563 10.03 -13.10 -38.58
C TRP A 563 10.59 -11.89 -39.32
N THR A 564 11.93 -11.71 -39.19
CA THR A 564 12.74 -10.88 -40.08
C THR A 564 12.63 -9.41 -39.70
N ASP A 565 11.47 -8.78 -39.87
CA ASP A 565 11.31 -7.40 -39.45
C ASP A 565 10.86 -7.30 -37.99
N ILE A 566 10.63 -8.44 -37.32
CA ILE A 566 10.27 -8.47 -35.91
C ILE A 566 9.12 -7.49 -35.67
N SER A 567 8.07 -7.58 -36.50
CA SER A 567 6.94 -6.67 -36.38
C SER A 567 5.77 -7.34 -35.66
N ALA A 568 5.04 -6.50 -34.93
CA ALA A 568 3.72 -6.80 -34.45
C ALA A 568 2.74 -5.97 -35.28
N ARG A 569 1.76 -6.64 -35.88
CA ARG A 569 0.85 -5.97 -36.79
C ARG A 569 -0.59 -6.28 -36.42
N ILE A 570 -1.45 -5.31 -36.68
CA ILE A 570 -2.86 -5.49 -36.55
C ILE A 570 -3.45 -5.51 -37.95
N LEU A 571 -4.14 -6.61 -38.28
CA LEU A 571 -4.74 -6.80 -39.59
C LEU A 571 -6.26 -6.80 -39.43
N LYS A 572 -6.96 -6.31 -40.47
CA LYS A 572 -8.40 -6.43 -40.51
C LYS A 572 -8.82 -7.83 -41.03
N LEU A 573 -9.88 -8.40 -40.45
CA LEU A 573 -10.52 -9.55 -41.06
C LEU A 573 -11.81 -9.07 -41.72
N PRO A 574 -12.24 -9.64 -42.86
CA PRO A 574 -11.52 -10.74 -43.55
C PRO A 574 -10.40 -10.38 -44.53
N SER A 575 -10.24 -9.08 -44.84
CA SER A 575 -9.39 -8.66 -45.95
C SER A 575 -7.91 -8.94 -45.71
N PHE A 576 -7.50 -8.99 -44.43
CA PHE A 576 -6.10 -9.00 -44.01
C PHE A 576 -5.38 -7.70 -44.38
N GLU A 577 -6.15 -6.62 -44.54
CA GLU A 577 -5.60 -5.28 -44.71
C GLU A 577 -4.78 -4.86 -43.46
N LEU A 578 -3.59 -4.28 -43.68
CA LEU A 578 -2.75 -3.80 -42.60
C LEU A 578 -3.32 -2.53 -41.98
N LEU A 579 -3.65 -2.59 -40.68
CA LEU A 579 -4.14 -1.44 -39.97
C LEU A 579 -3.01 -0.71 -39.25
N HIS A 580 -2.04 -1.46 -38.72
CA HIS A 580 -1.00 -0.86 -37.91
C HIS A 580 0.18 -1.81 -37.84
N LYS A 581 1.40 -1.28 -37.95
CA LYS A 581 2.60 -2.08 -37.83
C LYS A 581 3.55 -1.44 -36.81
N GLU A 582 4.06 -2.24 -35.87
CA GLU A 582 5.10 -1.79 -34.96
C GLU A 582 6.33 -2.69 -35.13
N MET A 583 7.50 -2.07 -35.31
CA MET A 583 8.75 -2.79 -35.46
C MET A 583 9.43 -2.85 -34.11
N LEU A 584 9.72 -4.05 -33.62
CA LEU A 584 10.11 -4.19 -32.24
C LEU A 584 11.63 -4.17 -32.05
N GLY A 585 12.37 -4.30 -33.16
CA GLY A 585 13.83 -4.21 -33.14
C GLY A 585 14.49 -5.55 -32.84
N GLY A 586 15.80 -5.63 -33.09
CA GLY A 586 16.56 -6.82 -32.77
C GLY A 586 16.48 -7.89 -33.87
N GLU A 587 16.98 -9.08 -33.57
CA GLU A 587 16.99 -10.18 -34.52
C GLU A 587 16.37 -11.42 -33.89
N ILE A 588 15.52 -11.24 -32.87
CA ILE A 588 14.94 -12.36 -32.14
C ILE A 588 13.42 -12.27 -32.30
N ILE A 589 12.80 -13.31 -32.87
CA ILE A 589 11.42 -13.20 -33.34
C ILE A 589 10.44 -13.12 -32.16
N PRO A 590 9.24 -12.55 -32.41
CA PRO A 590 8.13 -12.63 -31.47
C PRO A 590 7.67 -14.07 -31.32
N ARG A 591 7.34 -14.47 -30.08
CA ARG A 591 6.92 -15.83 -29.83
C ARG A 591 5.47 -15.91 -29.38
N SER A 592 4.93 -14.86 -28.81
CA SER A 592 3.57 -14.88 -28.28
C SER A 592 2.97 -13.51 -28.48
N ILE A 593 1.72 -13.47 -28.95
CA ILE A 593 1.06 -12.19 -29.13
C ILE A 593 -0.37 -12.37 -28.67
N LEU A 594 -0.91 -11.35 -28.02
CA LEU A 594 -2.22 -11.44 -27.41
C LEU A 594 -2.90 -10.09 -27.40
N MET A 595 -4.18 -10.09 -27.77
CA MET A 595 -5.07 -8.98 -27.54
C MET A 595 -5.83 -9.26 -26.26
N THR A 596 -5.87 -8.27 -25.33
CA THR A 596 -6.48 -8.53 -24.03
C THR A 596 -7.04 -7.23 -23.45
N THR A 597 -7.97 -7.38 -22.50
CA THR A 597 -8.55 -6.24 -21.82
C THR A 597 -8.20 -6.31 -20.34
N PHE A 598 -7.85 -5.14 -19.78
CA PHE A 598 -7.61 -4.97 -18.36
C PHE A 598 -8.28 -3.66 -17.88
N GLU A 599 -9.06 -3.75 -16.80
CA GLU A 599 -9.81 -2.61 -16.29
C GLU A 599 -10.43 -1.82 -17.45
N SER A 600 -11.05 -2.56 -18.38
CA SER A 600 -11.90 -2.01 -19.41
C SER A 600 -11.11 -1.31 -20.53
N SER A 601 -9.77 -1.38 -20.50
CA SER A 601 -8.93 -0.81 -21.55
C SER A 601 -8.32 -1.96 -22.34
N HIS A 602 -8.15 -1.76 -23.65
CA HIS A 602 -7.65 -2.83 -24.51
C HIS A 602 -6.16 -2.66 -24.78
N TYR A 603 -5.46 -3.79 -24.82
CA TYR A 603 -4.04 -3.82 -25.01
C TYR A 603 -3.62 -4.87 -26.04
N LEU A 604 -2.44 -4.64 -26.63
CA LEU A 604 -1.71 -5.67 -27.36
C LEU A 604 -0.43 -5.97 -26.60
N LEU A 605 -0.25 -7.26 -26.27
CA LEU A 605 0.96 -7.78 -25.66
C LEU A 605 1.74 -8.56 -26.71
N CYS A 606 3.05 -8.36 -26.77
CA CYS A 606 3.85 -9.16 -27.68
C CYS A 606 5.18 -9.50 -27.02
N ALA A 607 5.42 -10.80 -26.84
CA ALA A 607 6.63 -11.29 -26.15
C ALA A 607 7.65 -11.81 -27.17
N LEU A 608 8.92 -11.41 -27.01
CA LEU A 608 10.01 -11.90 -27.84
C LEU A 608 10.68 -13.09 -27.16
N GLY A 609 11.48 -13.82 -27.94
CA GLY A 609 12.12 -15.03 -27.50
C GLY A 609 13.23 -14.80 -26.44
N ASP A 610 13.54 -13.53 -26.16
CA ASP A 610 14.64 -13.16 -25.28
C ASP A 610 14.14 -12.64 -23.93
N GLY A 611 12.82 -12.76 -23.68
CA GLY A 611 12.22 -12.38 -22.41
C GLY A 611 11.59 -11.00 -22.42
N ALA A 612 11.85 -10.20 -23.48
CA ALA A 612 11.24 -8.90 -23.62
C ALA A 612 9.73 -9.05 -23.81
N LEU A 613 8.95 -8.21 -23.12
CA LEU A 613 7.52 -8.05 -23.37
C LEU A 613 7.23 -6.62 -23.76
N PHE A 614 6.68 -6.43 -24.96
CA PHE A 614 6.18 -5.14 -25.39
C PHE A 614 4.67 -5.10 -25.19
N TYR A 615 4.16 -3.94 -24.80
CA TYR A 615 2.72 -3.79 -24.73
C TYR A 615 2.33 -2.41 -25.19
N PHE A 616 1.12 -2.34 -25.72
CA PHE A 616 0.60 -1.14 -26.36
C PHE A 616 -0.86 -1.02 -25.97
N GLY A 617 -1.35 0.20 -25.87
CA GLY A 617 -2.78 0.38 -26.00
C GLY A 617 -3.29 0.02 -27.40
N LEU A 618 -4.50 -0.54 -27.44
CA LEU A 618 -5.11 -1.00 -28.66
C LEU A 618 -6.48 -0.36 -28.78
N ASN A 619 -6.68 0.32 -29.90
CA ASN A 619 -8.00 0.77 -30.34
C ASN A 619 -8.61 -0.33 -31.21
N ILE A 620 -9.70 -0.94 -30.71
CA ILE A 620 -10.23 -2.14 -31.35
C ILE A 620 -11.13 -1.77 -32.52
N GLU A 621 -11.37 -0.48 -32.73
CA GLU A 621 -12.11 -0.01 -33.90
C GLU A 621 -11.12 0.21 -35.06
N THR A 622 -10.07 0.98 -34.80
CA THR A 622 -9.20 1.48 -35.86
C THR A 622 -7.95 0.59 -36.00
N GLY A 623 -7.63 -0.18 -34.95
CA GLY A 623 -6.46 -1.05 -34.95
C GLY A 623 -5.19 -0.32 -34.53
N LEU A 624 -5.31 0.96 -34.15
CA LEU A 624 -4.16 1.76 -33.74
C LEU A 624 -3.58 1.20 -32.43
N LEU A 625 -2.26 1.00 -32.44
CA LEU A 625 -1.48 0.76 -31.24
C LEU A 625 -0.86 2.07 -30.80
N SER A 626 -0.78 2.28 -29.49
CA SER A 626 -0.20 3.50 -28.94
C SER A 626 0.59 3.19 -27.68
N ASP A 627 1.41 4.18 -27.26
CA ASP A 627 2.04 4.22 -25.96
C ASP A 627 2.81 2.93 -25.69
N ARG A 628 3.74 2.58 -26.59
CA ARG A 628 4.59 1.41 -26.42
C ARG A 628 5.30 1.47 -25.07
N LYS A 629 5.30 0.34 -24.37
CA LYS A 629 6.09 0.12 -23.18
C LYS A 629 6.77 -1.24 -23.28
N LYS A 630 7.81 -1.43 -22.48
CA LYS A 630 8.62 -2.62 -22.54
C LYS A 630 9.08 -3.02 -21.13
N VAL A 631 8.88 -4.30 -20.80
CA VAL A 631 9.41 -4.85 -19.57
C VAL A 631 10.16 -6.11 -19.93
N THR A 632 11.02 -6.58 -19.02
CA THR A 632 11.74 -7.82 -19.22
C THR A 632 11.22 -8.84 -18.20
N LEU A 633 10.78 -10.00 -18.69
CA LEU A 633 10.10 -10.98 -17.86
C LEU A 633 10.94 -12.24 -17.72
N GLY A 634 12.24 -12.14 -17.98
CA GLY A 634 13.08 -13.34 -18.02
C GLY A 634 14.07 -13.26 -19.17
N THR A 635 14.65 -14.41 -19.52
CA THR A 635 15.65 -14.47 -20.57
C THR A 635 15.24 -15.52 -21.61
N GLN A 636 14.09 -16.16 -21.40
CA GLN A 636 13.63 -17.23 -22.27
C GLN A 636 12.35 -16.77 -22.99
N PRO A 637 11.93 -17.47 -24.08
CA PRO A 637 10.66 -17.14 -24.73
C PRO A 637 9.55 -17.18 -23.68
N THR A 638 8.68 -16.16 -23.71
CA THR A 638 7.52 -16.09 -22.85
C THR A 638 6.30 -16.55 -23.63
N VAL A 639 5.48 -17.38 -23.01
CA VAL A 639 4.17 -17.75 -23.54
C VAL A 639 3.06 -17.13 -22.67
N LEU A 640 2.13 -16.45 -23.33
CA LEU A 640 1.08 -15.67 -22.68
C LEU A 640 -0.23 -16.42 -22.77
N ARG A 641 -0.99 -16.49 -21.66
CA ARG A 641 -2.30 -17.12 -21.67
C ARG A 641 -3.22 -16.44 -20.66
N THR A 642 -4.46 -16.18 -21.07
N THR A 642 -4.46 -16.13 -21.07
CA THR A 642 -5.46 -15.56 -20.22
CA THR A 642 -5.41 -15.55 -20.14
C THR A 642 -6.00 -16.57 -19.20
C THR A 642 -5.87 -16.59 -19.13
N PHE A 643 -6.29 -16.08 -17.97
CA PHE A 643 -6.99 -16.90 -16.98
C PHE A 643 -7.88 -15.97 -16.14
N ARG A 644 -8.92 -16.52 -15.51
CA ARG A 644 -9.76 -15.76 -14.61
C ARG A 644 -9.50 -16.26 -13.19
N SER A 645 -9.34 -15.32 -12.26
CA SER A 645 -9.47 -15.63 -10.84
C SER A 645 -10.15 -14.47 -10.13
N LEU A 646 -11.01 -14.84 -9.16
CA LEU A 646 -11.85 -13.91 -8.44
C LEU A 646 -12.45 -12.89 -9.39
N SER A 647 -13.06 -13.38 -10.49
CA SER A 647 -13.92 -12.58 -11.35
C SER A 647 -13.13 -11.47 -12.06
N THR A 648 -11.87 -11.76 -12.41
CA THR A 648 -11.08 -10.80 -13.16
C THR A 648 -10.16 -11.57 -14.10
N THR A 649 -10.09 -11.10 -15.35
N THR A 649 -10.11 -11.16 -15.37
CA THR A 649 -9.24 -11.73 -16.35
CA THR A 649 -9.25 -11.85 -16.32
C THR A 649 -7.83 -11.16 -16.23
C THR A 649 -7.86 -11.20 -16.29
N ASN A 650 -6.84 -12.04 -16.15
CA ASN A 650 -5.44 -11.64 -16.13
C ASN A 650 -4.64 -12.52 -17.08
N VAL A 651 -3.35 -12.22 -17.22
CA VAL A 651 -2.52 -12.96 -18.13
C VAL A 651 -1.38 -13.62 -17.37
N PHE A 652 -1.23 -14.93 -17.59
CA PHE A 652 -0.12 -15.66 -17.08
C PHE A 652 0.98 -15.71 -18.12
N ALA A 653 2.19 -15.35 -17.69
CA ALA A 653 3.34 -15.34 -18.58
C ALA A 653 4.29 -16.45 -18.19
N CYS A 654 4.35 -17.49 -19.03
CA CYS A 654 5.18 -18.64 -18.79
C CYS A 654 6.58 -18.31 -19.24
N SER A 655 7.52 -18.45 -18.34
CA SER A 655 8.90 -18.40 -18.69
C SER A 655 9.69 -18.97 -17.53
N ASP A 656 11.02 -18.79 -17.61
CA ASP A 656 11.94 -19.12 -16.52
C ASP A 656 11.58 -18.29 -15.28
N ARG A 657 10.98 -17.11 -15.50
CA ARG A 657 10.47 -16.23 -14.43
C ARG A 657 8.96 -16.06 -14.60
N PRO A 658 8.13 -17.07 -14.20
CA PRO A 658 6.68 -16.99 -14.38
C PRO A 658 6.14 -15.77 -13.67
N THR A 659 5.18 -15.14 -14.31
CA THR A 659 4.72 -13.81 -13.95
C THR A 659 3.24 -13.76 -14.21
N VAL A 660 2.52 -13.00 -13.40
CA VAL A 660 1.17 -12.61 -13.74
C VAL A 660 1.14 -11.14 -14.16
N ILE A 661 0.47 -10.89 -15.30
CA ILE A 661 0.23 -9.55 -15.78
C ILE A 661 -1.20 -9.18 -15.45
N TYR A 662 -1.35 -8.00 -14.82
CA TYR A 662 -2.65 -7.52 -14.40
C TYR A 662 -2.65 -6.00 -14.41
N SER A 663 -3.78 -5.42 -13.98
CA SER A 663 -3.89 -3.98 -14.03
C SER A 663 -4.20 -3.47 -12.62
N SER A 664 -3.62 -2.30 -12.32
CA SER A 664 -3.87 -1.55 -11.09
C SER A 664 -3.80 -0.07 -11.44
N ASN A 665 -4.90 0.68 -11.22
CA ASN A 665 -4.90 2.12 -11.46
C ASN A 665 -4.66 2.40 -12.94
N HIS A 666 -5.25 1.54 -13.81
CA HIS A 666 -5.20 1.70 -15.26
C HIS A 666 -3.76 1.74 -15.74
N LYS A 667 -2.87 1.03 -15.03
CA LYS A 667 -1.53 0.77 -15.53
C LYS A 667 -1.27 -0.72 -15.41
N LEU A 668 -0.52 -1.30 -16.34
CA LEU A 668 -0.20 -2.71 -16.23
C LEU A 668 0.86 -2.92 -15.15
N VAL A 669 0.72 -4.03 -14.43
CA VAL A 669 1.59 -4.47 -13.35
C VAL A 669 2.00 -5.93 -13.57
N PHE A 670 3.20 -6.25 -13.09
CA PHE A 670 3.82 -7.53 -13.35
C PHE A 670 4.32 -8.09 -12.04
N SER A 671 3.77 -9.20 -11.60
CA SER A 671 4.12 -9.77 -10.30
C SER A 671 4.64 -11.21 -10.46
N ASN A 672 5.77 -11.50 -9.81
CA ASN A 672 6.39 -12.82 -9.87
C ASN A 672 5.45 -13.85 -9.26
N VAL A 673 5.41 -15.05 -9.89
CA VAL A 673 4.77 -16.23 -9.38
C VAL A 673 5.87 -17.06 -8.73
N ASN A 674 5.61 -17.53 -7.50
CA ASN A 674 6.65 -18.18 -6.71
C ASN A 674 6.66 -19.67 -7.08
N LEU A 675 7.18 -19.94 -8.29
CA LEU A 675 7.40 -21.27 -8.83
C LEU A 675 8.71 -21.24 -9.59
N LYS A 676 9.32 -22.42 -9.77
CA LYS A 676 10.40 -22.57 -10.73
C LYS A 676 9.80 -22.47 -12.14
N GLU A 677 10.63 -22.74 -13.14
CA GLU A 677 10.27 -22.47 -14.51
C GLU A 677 8.97 -23.20 -14.86
N VAL A 678 8.06 -22.46 -15.50
CA VAL A 678 6.82 -22.99 -16.06
C VAL A 678 6.90 -22.82 -17.58
N ASN A 679 6.60 -23.90 -18.33
CA ASN A 679 6.67 -23.86 -19.78
C ASN A 679 5.31 -23.50 -20.37
N TYR A 680 4.25 -24.18 -19.89
CA TYR A 680 2.90 -23.98 -20.41
C TYR A 680 1.91 -23.95 -19.26
N MET A 681 0.76 -23.31 -19.49
CA MET A 681 -0.30 -23.33 -18.52
C MET A 681 -1.62 -23.13 -19.24
N CYS A 682 -2.68 -23.60 -18.60
CA CYS A 682 -3.99 -23.19 -18.97
C CYS A 682 -4.85 -23.11 -17.73
N PRO A 683 -5.93 -22.33 -17.77
CA PRO A 683 -6.94 -22.38 -16.73
C PRO A 683 -7.69 -23.71 -16.80
N LEU A 684 -8.18 -24.18 -15.65
CA LEU A 684 -8.88 -25.45 -15.58
C LEU A 684 -9.90 -25.36 -14.48
N ASN A 685 -11.17 -25.53 -14.84
CA ASN A 685 -12.27 -25.37 -13.91
C ASN A 685 -13.13 -26.63 -13.97
N SER A 686 -12.70 -27.68 -13.26
CA SER A 686 -13.35 -28.99 -13.27
C SER A 686 -14.03 -29.24 -11.93
N ASP A 687 -14.91 -30.25 -11.90
CA ASP A 687 -15.58 -30.66 -10.67
C ASP A 687 -14.54 -30.80 -9.55
N GLY A 688 -13.48 -31.57 -9.81
CA GLY A 688 -12.50 -31.92 -8.79
C GLY A 688 -11.50 -30.78 -8.52
N TYR A 689 -11.26 -29.97 -9.54
CA TYR A 689 -10.26 -28.92 -9.51
C TYR A 689 -10.92 -27.62 -9.94
N PRO A 690 -11.81 -27.05 -9.11
CA PRO A 690 -12.49 -25.80 -9.44
C PRO A 690 -11.54 -24.61 -9.46
N ASP A 691 -11.79 -23.69 -10.39
CA ASP A 691 -11.09 -22.40 -10.48
C ASP A 691 -9.60 -22.61 -10.31
N SER A 692 -9.03 -23.49 -11.13
CA SER A 692 -7.64 -23.91 -10.96
C SER A 692 -6.82 -23.55 -12.21
N LEU A 693 -5.54 -23.92 -12.16
CA LEU A 693 -4.58 -23.71 -13.22
C LEU A 693 -3.86 -25.03 -13.43
N ALA A 694 -3.72 -25.45 -14.68
CA ALA A 694 -2.85 -26.54 -15.03
C ALA A 694 -1.51 -25.98 -15.50
N LEU A 695 -0.42 -26.50 -14.95
CA LEU A 695 0.90 -25.97 -15.22
C LEU A 695 1.81 -27.11 -15.63
N ALA A 696 2.68 -26.87 -16.62
CA ALA A 696 3.63 -27.89 -17.01
C ALA A 696 5.01 -27.30 -17.13
N ASN A 697 6.00 -28.09 -16.65
CA ASN A 697 7.40 -27.88 -16.98
C ASN A 697 7.88 -29.01 -17.86
N ASN A 698 9.22 -29.18 -17.93
CA ASN A 698 9.88 -30.17 -18.76
C ASN A 698 9.46 -31.61 -18.40
N SER A 699 9.10 -31.83 -17.14
CA SER A 699 8.98 -33.20 -16.63
C SER A 699 7.62 -33.49 -15.98
N THR A 700 6.85 -32.43 -15.63
CA THR A 700 5.75 -32.54 -14.68
C THR A 700 4.53 -31.71 -15.11
N LEU A 701 3.33 -32.27 -14.89
CA LEU A 701 2.08 -31.54 -14.94
C LEU A 701 1.53 -31.34 -13.52
N THR A 702 1.24 -30.07 -13.18
N THR A 702 1.24 -30.10 -13.13
CA THR A 702 0.68 -29.68 -11.90
CA THR A 702 0.63 -29.85 -11.84
C THR A 702 -0.75 -29.16 -12.12
C THR A 702 -0.68 -29.08 -12.04
N ILE A 703 -1.61 -29.30 -11.10
CA ILE A 703 -2.86 -28.58 -11.04
C ILE A 703 -2.97 -27.93 -9.66
N GLY A 704 -3.31 -26.63 -9.62
CA GLY A 704 -3.29 -25.87 -8.38
C GLY A 704 -4.21 -24.65 -8.44
N THR A 705 -4.39 -23.97 -7.31
CA THR A 705 -5.08 -22.71 -7.26
C THR A 705 -4.05 -21.63 -7.03
N ILE A 706 -4.36 -20.44 -7.48
CA ILE A 706 -3.45 -19.32 -7.34
C ILE A 706 -3.97 -18.42 -6.22
N ASP A 707 -3.05 -17.77 -5.52
CA ASP A 707 -3.39 -16.79 -4.51
C ASP A 707 -3.87 -15.50 -5.16
N GLU A 708 -4.21 -14.52 -4.31
CA GLU A 708 -4.60 -13.20 -4.76
C GLU A 708 -3.47 -12.60 -5.61
N ILE A 709 -3.89 -11.95 -6.70
CA ILE A 709 -2.96 -11.33 -7.62
C ILE A 709 -2.59 -9.95 -7.08
N GLN A 710 -1.38 -9.86 -6.49
CA GLN A 710 -0.88 -8.65 -5.85
C GLN A 710 0.63 -8.80 -5.74
N LYS A 711 1.35 -7.69 -5.57
CA LYS A 711 2.80 -7.73 -5.49
C LYS A 711 3.26 -8.40 -4.19
N LEU A 712 2.54 -8.16 -3.09
CA LEU A 712 2.93 -8.64 -1.75
C LEU A 712 1.81 -9.46 -1.17
N HIS A 713 2.19 -10.54 -0.53
CA HIS A 713 1.24 -11.35 0.18
C HIS A 713 1.39 -11.02 1.67
N ILE A 714 0.26 -10.82 2.36
CA ILE A 714 0.23 -10.48 3.79
C ILE A 714 -0.57 -11.53 4.55
N ARG A 715 0.06 -12.11 5.58
CA ARG A 715 -0.64 -12.95 6.53
C ARG A 715 -0.82 -12.15 7.81
N THR A 716 -2.06 -12.10 8.31
CA THR A 716 -2.37 -11.39 9.54
C THR A 716 -2.53 -12.37 10.72
N VAL A 717 -1.88 -12.02 11.82
CA VAL A 717 -2.00 -12.73 13.10
C VAL A 717 -2.57 -11.77 14.12
N PRO A 718 -3.90 -11.81 14.39
CA PRO A 718 -4.47 -10.94 15.39
C PRO A 718 -3.97 -11.27 16.80
N LEU A 719 -3.64 -10.22 17.52
CA LEU A 719 -3.24 -10.31 18.93
C LEU A 719 -4.32 -9.80 19.89
N TYR A 720 -5.14 -8.84 19.42
CA TYR A 720 -6.16 -8.20 20.26
C TYR A 720 -5.56 -7.34 21.37
N GLU A 721 -4.28 -6.94 21.22
CA GLU A 721 -3.59 -6.07 22.12
C GLU A 721 -2.41 -5.49 21.32
N SER A 722 -1.72 -4.55 21.95
CA SER A 722 -0.69 -3.74 21.27
C SER A 722 0.65 -4.49 21.24
N PRO A 723 1.17 -4.92 20.08
CA PRO A 723 2.54 -5.42 20.01
C PRO A 723 3.48 -4.22 20.06
N ARG A 724 4.68 -4.43 20.60
CA ARG A 724 5.60 -3.33 20.83
C ARG A 724 6.97 -3.60 20.20
N LYS A 725 7.46 -4.82 20.30
CA LYS A 725 8.77 -5.20 19.81
C LYS A 725 8.77 -6.66 19.42
N ILE A 726 9.67 -7.04 18.49
CA ILE A 726 9.71 -8.42 18.02
C ILE A 726 11.16 -8.82 17.82
N CYS A 727 11.45 -10.10 18.09
N CYS A 727 11.46 -10.09 18.16
CA CYS A 727 12.74 -10.68 17.75
CA CYS A 727 12.73 -10.71 17.78
C CYS A 727 12.55 -12.16 17.46
C CYS A 727 12.44 -12.12 17.30
N TYR A 728 13.38 -12.67 16.55
CA TYR A 728 13.29 -14.05 16.12
C TYR A 728 14.35 -14.85 16.87
N GLN A 729 13.96 -16.04 17.36
CA GLN A 729 14.91 -16.94 18.01
C GLN A 729 14.97 -18.26 17.27
N GLU A 730 15.97 -18.38 16.38
CA GLU A 730 16.03 -19.48 15.43
C GLU A 730 16.11 -20.82 16.18
N VAL A 731 16.86 -20.88 17.28
CA VAL A 731 17.06 -22.15 17.97
C VAL A 731 15.77 -22.66 18.59
N SER A 732 14.77 -21.78 18.85
CA SER A 732 13.52 -22.18 19.46
C SER A 732 12.38 -22.26 18.43
N GLN A 733 12.66 -21.80 17.22
CA GLN A 733 11.70 -21.77 16.11
C GLN A 733 10.52 -20.93 16.53
N CYS A 734 10.79 -19.80 17.18
N CYS A 734 10.82 -19.81 17.21
CA CYS A 734 9.72 -18.94 17.62
CA CYS A 734 9.81 -18.96 17.83
C CYS A 734 10.16 -17.48 17.59
C CYS A 734 10.18 -17.48 17.67
N PHE A 735 9.16 -16.61 17.72
CA PHE A 735 9.36 -15.20 17.92
C PHE A 735 9.08 -14.88 19.38
N GLY A 736 9.80 -13.88 19.85
CA GLY A 736 9.44 -13.16 21.05
C GLY A 736 8.80 -11.83 20.69
N VAL A 737 7.67 -11.52 21.35
CA VAL A 737 6.96 -10.27 21.07
C VAL A 737 6.59 -9.61 22.38
N LEU A 738 7.04 -8.38 22.56
CA LEU A 738 6.59 -7.58 23.70
C LEU A 738 5.21 -7.06 23.35
N SER A 739 4.28 -7.10 24.31
CA SER A 739 2.94 -6.62 24.07
C SER A 739 2.41 -5.90 25.31
N SER A 740 1.40 -5.06 25.10
CA SER A 740 0.75 -4.41 26.22
C SER A 740 -0.76 -4.45 26.00
N ARG A 741 -1.48 -4.70 27.09
CA ARG A 741 -2.93 -4.67 27.08
C ARG A 741 -3.41 -3.66 28.13
N ILE A 742 -4.58 -3.08 27.86
CA ILE A 742 -5.23 -2.13 28.76
C ILE A 742 -6.15 -2.93 29.67
N GLU A 743 -6.07 -2.60 30.97
CA GLU A 743 -7.03 -3.07 31.97
C GLU A 743 -7.56 -1.86 32.73
N VAL A 744 -8.68 -2.05 33.42
CA VAL A 744 -9.30 -0.95 34.14
C VAL A 744 -9.21 -1.24 35.64
N GLN A 745 -8.74 -0.23 36.40
CA GLN A 745 -8.56 -0.34 37.84
C GLN A 745 -9.89 -0.06 38.53
N GLY A 750 -8.00 -5.19 42.03
CA GLY A 750 -7.01 -4.50 41.18
C GLY A 750 -7.63 -4.10 39.83
N THR A 751 -7.10 -4.70 38.74
CA THR A 751 -7.41 -4.25 37.39
C THR A 751 -8.08 -5.40 36.62
N THR A 752 -8.96 -5.01 35.66
CA THR A 752 -9.77 -5.97 34.92
C THR A 752 -9.56 -5.77 33.41
N ALA A 753 -9.31 -6.89 32.71
CA ALA A 753 -9.10 -6.89 31.27
C ALA A 753 -10.41 -6.63 30.52
N LEU A 754 -10.31 -5.89 29.40
CA LEU A 754 -11.46 -5.43 28.64
C LEU A 754 -11.95 -6.54 27.71
N ARG A 755 -11.03 -7.42 27.32
CA ARG A 755 -11.32 -8.49 26.39
C ARG A 755 -10.19 -9.50 26.49
N PRO A 756 -10.38 -10.76 26.08
CA PRO A 756 -9.28 -11.70 25.98
C PRO A 756 -8.34 -11.25 24.86
N SER A 757 -7.07 -11.61 24.99
CA SER A 757 -6.05 -11.20 24.01
C SER A 757 -4.88 -12.15 24.12
N ALA A 758 -3.86 -11.96 23.26
CA ALA A 758 -2.76 -12.91 23.17
C ALA A 758 -2.18 -13.20 24.57
N SER A 759 -1.98 -12.16 25.38
CA SER A 759 -1.27 -12.33 26.65
C SER A 759 -2.11 -13.09 27.67
N THR A 760 -3.43 -13.14 27.48
CA THR A 760 -4.33 -13.84 28.40
C THR A 760 -4.76 -15.19 27.82
N GLN A 761 -4.28 -15.56 26.62
CA GLN A 761 -4.75 -16.76 25.92
C GLN A 761 -3.58 -17.66 25.47
N ALA A 762 -2.46 -17.58 26.17
CA ALA A 762 -1.29 -18.39 25.86
C ALA A 762 -1.54 -19.81 26.35
N LEU A 763 -0.80 -20.78 25.80
CA LEU A 763 -0.93 -22.16 26.29
C LEU A 763 -0.52 -22.26 27.74
N SER A 764 0.61 -21.64 28.09
CA SER A 764 1.00 -21.50 29.48
C SER A 764 1.45 -20.08 29.76
N SER A 765 1.57 -19.75 31.07
CA SER A 765 1.81 -18.39 31.47
C SER A 765 2.62 -18.33 32.76
N SER A 766 3.37 -17.26 32.87
CA SER A 766 4.21 -16.98 34.03
C SER A 766 4.08 -15.51 34.39
N VAL A 767 4.48 -15.15 35.61
CA VAL A 767 4.39 -13.77 36.09
C VAL A 767 5.67 -13.44 36.83
N SER A 768 6.11 -12.20 36.72
CA SER A 768 7.24 -11.71 37.50
C SER A 768 6.79 -11.61 38.97
N SER A 769 7.63 -12.08 39.88
CA SER A 769 7.32 -11.93 41.30
C SER A 769 7.96 -10.64 41.82
N SER A 770 7.16 -9.86 42.57
CA SER A 770 7.57 -8.57 43.10
C SER A 770 8.41 -8.74 44.37
N LYS A 771 9.72 -8.51 44.25
CA LYS A 771 10.64 -8.60 45.38
C LYS A 771 10.56 -7.30 46.20
N GLU A 786 -9.20 2.43 29.52
CA GLU A 786 -7.86 3.00 29.19
C GLU A 786 -7.14 3.44 30.47
N GLU A 787 -7.09 2.53 31.48
CA GLU A 787 -6.71 2.92 32.83
C GLU A 787 -5.25 2.57 33.11
N VAL A 788 -4.84 1.30 32.92
CA VAL A 788 -3.46 0.88 33.16
C VAL A 788 -2.98 -0.03 32.03
N GLU A 789 -1.67 0.06 31.68
CA GLU A 789 -1.04 -0.87 30.75
C GLU A 789 -0.38 -2.03 31.50
N VAL A 790 -0.68 -3.24 31.06
CA VAL A 790 -0.04 -4.44 31.55
C VAL A 790 0.81 -5.02 30.42
N HIS A 791 2.10 -5.23 30.70
CA HIS A 791 3.07 -5.65 29.69
C HIS A 791 3.44 -7.11 29.85
N ASN A 792 3.78 -7.73 28.71
CA ASN A 792 3.97 -9.16 28.55
C ASN A 792 5.06 -9.43 27.51
N LEU A 793 5.80 -10.52 27.71
CA LEU A 793 6.59 -11.15 26.68
C LEU A 793 5.85 -12.37 26.17
N LEU A 794 5.49 -12.35 24.88
CA LEU A 794 4.82 -13.45 24.23
C LEU A 794 5.84 -14.28 23.47
N ILE A 795 5.71 -15.62 23.57
CA ILE A 795 6.48 -16.53 22.75
C ILE A 795 5.54 -17.16 21.72
N ILE A 796 5.86 -16.97 20.44
CA ILE A 796 4.93 -17.26 19.36
C ILE A 796 5.58 -18.22 18.37
N ASP A 797 4.86 -19.30 18.05
CA ASP A 797 5.40 -20.34 17.17
C ASP A 797 5.60 -19.78 15.75
N GLN A 798 6.73 -20.09 15.11
CA GLN A 798 7.02 -19.45 13.82
C GLN A 798 6.20 -20.00 12.66
N HIS A 799 5.61 -21.19 12.83
CA HIS A 799 4.83 -21.83 11.78
C HIS A 799 3.34 -21.53 11.95
N THR A 800 2.83 -21.74 13.18
CA THR A 800 1.39 -21.64 13.43
C THR A 800 1.01 -20.25 13.94
N PHE A 801 1.99 -19.52 14.46
CA PHE A 801 1.81 -18.24 15.15
C PHE A 801 0.88 -18.37 16.35
N GLU A 802 0.79 -19.59 16.90
CA GLU A 802 0.11 -19.81 18.16
C GLU A 802 0.92 -19.14 19.28
N VAL A 803 0.22 -18.63 20.29
CA VAL A 803 0.87 -18.05 21.46
C VAL A 803 1.18 -19.19 22.42
N LEU A 804 2.45 -19.59 22.48
CA LEU A 804 2.88 -20.76 23.28
C LEU A 804 2.97 -20.39 24.75
N HIS A 805 3.50 -19.20 25.05
CA HIS A 805 3.72 -18.78 26.44
C HIS A 805 3.61 -17.27 26.52
N ALA A 806 3.11 -16.78 27.66
CA ALA A 806 3.11 -15.36 27.96
C ALA A 806 3.67 -15.16 29.36
N HIS A 807 4.65 -14.26 29.47
CA HIS A 807 5.19 -13.82 30.75
C HIS A 807 4.74 -12.38 31.05
N GLN A 808 4.03 -12.21 32.18
CA GLN A 808 3.58 -10.91 32.60
C GLN A 808 4.60 -10.22 33.51
N PHE A 809 4.88 -8.93 33.21
CA PHE A 809 5.85 -8.14 33.96
C PHE A 809 5.17 -7.59 35.21
N LEU A 810 5.96 -6.90 36.06
CA LEU A 810 5.44 -6.36 37.33
C LEU A 810 4.40 -5.27 37.05
N GLN A 811 3.54 -5.02 38.03
CA GLN A 811 2.69 -3.84 37.98
C GLN A 811 3.52 -2.57 37.76
N ASN A 812 3.03 -1.74 36.83
CA ASN A 812 3.66 -0.48 36.43
C ASN A 812 4.99 -0.70 35.72
N GLU A 813 5.32 -1.95 35.36
CA GLU A 813 6.54 -2.19 34.60
C GLU A 813 6.19 -2.16 33.11
N TYR A 814 6.89 -1.29 32.36
CA TYR A 814 6.73 -1.22 30.90
C TYR A 814 7.93 -1.87 30.23
N ALA A 815 7.67 -2.82 29.30
CA ALA A 815 8.75 -3.48 28.60
C ALA A 815 9.08 -2.66 27.34
N LEU A 816 10.37 -2.29 27.21
CA LEU A 816 10.77 -1.27 26.23
C LEU A 816 11.65 -1.88 25.13
N SER A 817 12.44 -2.89 25.48
CA SER A 817 13.46 -3.39 24.58
C SER A 817 13.59 -4.91 24.69
N LEU A 818 13.97 -5.54 23.57
CA LEU A 818 13.97 -6.99 23.46
C LEU A 818 15.11 -7.42 22.53
N VAL A 819 15.84 -8.47 22.92
CA VAL A 819 16.82 -9.10 22.06
C VAL A 819 16.79 -10.59 22.33
N SER A 820 17.13 -11.35 21.28
CA SER A 820 17.42 -12.77 21.41
C SER A 820 18.89 -12.99 21.09
N CYS A 821 19.66 -13.56 22.02
CA CYS A 821 21.08 -13.73 21.76
C CYS A 821 21.72 -14.69 22.73
N LYS A 822 22.93 -15.10 22.35
CA LYS A 822 23.86 -15.79 23.25
C LYS A 822 24.83 -14.77 23.81
N LEU A 823 25.37 -15.04 25.01
CA LEU A 823 26.34 -14.15 25.65
C LEU A 823 27.52 -14.98 26.19
N GLY A 824 28.67 -14.31 26.25
CA GLY A 824 29.85 -14.84 26.92
C GLY A 824 30.22 -16.21 26.39
N LYS A 825 30.57 -17.13 27.30
CA LYS A 825 30.89 -18.50 26.92
C LYS A 825 29.68 -19.41 27.17
N ASP A 826 28.50 -18.81 27.37
CA ASP A 826 27.30 -19.58 27.65
C ASP A 826 26.65 -20.00 26.33
N PRO A 827 26.36 -21.31 26.11
CA PRO A 827 25.87 -21.79 24.82
C PRO A 827 24.38 -21.54 24.58
N ASN A 828 23.67 -21.13 25.62
CA ASN A 828 22.23 -20.97 25.54
C ASN A 828 21.92 -19.67 24.81
N THR A 829 20.77 -19.67 24.13
CA THR A 829 20.20 -18.45 23.58
C THR A 829 19.05 -17.98 24.47
N TYR A 830 19.08 -16.70 24.84
CA TYR A 830 18.15 -16.12 25.79
C TYR A 830 17.28 -15.07 25.10
N PHE A 831 16.06 -14.88 25.63
CA PHE A 831 15.32 -13.65 25.40
C PHE A 831 15.67 -12.68 26.51
N ILE A 832 16.06 -11.48 26.14
CA ILE A 832 16.44 -10.49 27.13
C ILE A 832 15.56 -9.28 26.95
N VAL A 833 14.98 -8.78 28.07
CA VAL A 833 14.00 -7.71 28.05
C VAL A 833 14.48 -6.58 28.94
N GLY A 834 14.43 -5.36 28.41
CA GLY A 834 14.70 -4.17 29.18
C GLY A 834 13.40 -3.44 29.49
N THR A 835 13.28 -2.93 30.72
CA THR A 835 12.02 -2.35 31.18
C THR A 835 12.26 -1.00 31.85
N ALA A 836 11.14 -0.31 32.12
CA ALA A 836 11.10 0.85 32.99
C ALA A 836 9.95 0.70 33.98
N MET A 837 10.19 1.12 35.24
CA MET A 837 9.09 1.31 36.18
C MET A 837 8.56 2.72 36.01
N VAL A 838 7.27 2.82 35.72
CA VAL A 838 6.63 4.05 35.36
C VAL A 838 5.72 4.51 36.50
N TYR A 839 6.03 5.69 37.05
CA TYR A 839 5.26 6.33 38.11
C TYR A 839 4.81 7.71 37.60
N PRO A 840 3.59 8.19 37.95
CA PRO A 840 3.01 9.38 37.33
C PRO A 840 3.80 10.68 37.47
N GLU A 841 4.45 10.88 38.62
CA GLU A 841 5.00 12.19 38.95
C GLU A 841 6.48 12.27 38.51
N GLU A 842 7.00 11.19 37.91
CA GLU A 842 8.39 11.16 37.43
C GLU A 842 8.43 11.71 35.99
N ALA A 843 9.28 12.72 35.76
CA ALA A 843 9.46 13.29 34.43
C ALA A 843 10.07 12.25 33.49
N GLU A 844 10.93 11.37 34.05
CA GLU A 844 11.33 10.15 33.37
C GLU A 844 11.55 9.07 34.42
N PRO A 845 11.62 7.78 34.02
CA PRO A 845 11.81 6.71 34.99
C PRO A 845 13.17 6.69 35.69
N LYS A 846 13.16 6.34 36.97
CA LYS A 846 14.38 6.29 37.74
C LYS A 846 14.67 4.85 38.13
N GLN A 847 13.83 3.92 37.67
CA GLN A 847 14.02 2.51 37.91
C GLN A 847 13.63 1.68 36.69
N GLY A 848 14.29 0.54 36.52
CA GLY A 848 13.97 -0.42 35.48
C GLY A 848 14.74 -1.71 35.71
N ARG A 849 14.51 -2.68 34.85
CA ARG A 849 15.17 -3.96 34.97
C ARG A 849 15.69 -4.43 33.61
N ILE A 850 16.80 -5.17 33.63
CA ILE A 850 17.14 -6.09 32.56
C ILE A 850 16.85 -7.52 33.02
N VAL A 851 16.00 -8.23 32.26
CA VAL A 851 15.63 -9.60 32.60
C VAL A 851 16.05 -10.56 31.49
N VAL A 852 16.78 -11.62 31.91
CA VAL A 852 17.26 -12.64 31.01
C VAL A 852 16.38 -13.87 31.22
N PHE A 853 15.71 -14.29 30.12
CA PHE A 853 14.81 -15.42 30.10
C PHE A 853 15.40 -16.52 29.22
N GLN A 854 15.11 -17.77 29.57
CA GLN A 854 15.38 -18.89 28.70
C GLN A 854 14.06 -19.57 28.38
N TYR A 855 13.80 -19.82 27.10
CA TYR A 855 12.62 -20.57 26.71
C TYR A 855 12.98 -22.05 26.57
N SER A 856 12.35 -22.89 27.43
CA SER A 856 12.59 -24.34 27.49
C SER A 856 11.31 -25.03 27.94
N ASP A 857 10.96 -26.15 27.31
CA ASP A 857 9.87 -27.00 27.76
C ASP A 857 8.59 -26.18 27.85
N GLY A 858 8.36 -25.32 26.84
CA GLY A 858 7.07 -24.65 26.72
C GLY A 858 6.92 -23.43 27.65
N LYS A 859 7.98 -23.05 28.37
CA LYS A 859 7.85 -21.98 29.33
C LYS A 859 9.11 -21.12 29.39
N LEU A 860 8.91 -19.87 29.83
CA LEU A 860 10.00 -18.95 30.11
C LEU A 860 10.42 -19.09 31.58
N GLN A 861 11.69 -19.45 31.74
CA GLN A 861 12.37 -19.36 33.01
C GLN A 861 13.13 -18.05 33.09
N THR A 862 13.02 -17.37 34.23
CA THR A 862 13.88 -16.25 34.54
C THR A 862 15.24 -16.77 34.99
N VAL A 863 16.26 -16.44 34.22
CA VAL A 863 17.63 -16.86 34.48
C VAL A 863 18.31 -15.86 35.39
N ALA A 864 18.07 -14.56 35.15
CA ALA A 864 18.73 -13.51 35.88
C ALA A 864 17.98 -12.21 35.71
N GLU A 865 18.08 -11.36 36.74
CA GLU A 865 17.52 -10.03 36.69
C GLU A 865 18.54 -9.04 37.21
N LYS A 866 18.55 -7.85 36.61
CA LYS A 866 19.38 -6.78 37.06
C LYS A 866 18.51 -5.53 37.21
N GLU A 867 18.46 -4.96 38.41
CA GLU A 867 17.84 -3.65 38.61
C GLU A 867 18.82 -2.57 38.16
N VAL A 868 18.31 -1.56 37.42
CA VAL A 868 19.09 -0.42 37.02
C VAL A 868 18.29 0.82 37.35
N LYS A 869 18.94 1.97 37.33
CA LYS A 869 18.31 3.18 37.82
C LYS A 869 17.81 4.02 36.65
N GLY A 870 17.04 3.37 35.78
CA GLY A 870 16.37 4.09 34.71
C GLY A 870 15.68 3.16 33.72
N ALA A 871 15.15 3.76 32.66
CA ALA A 871 14.48 3.02 31.60
C ALA A 871 15.51 2.41 30.66
N VAL A 872 15.32 1.12 30.34
CA VAL A 872 16.19 0.43 29.40
C VAL A 872 15.56 0.54 28.00
N TYR A 873 15.90 1.62 27.32
CA TYR A 873 15.29 1.99 26.06
C TYR A 873 15.71 1.06 24.91
N SER A 874 16.97 0.60 24.88
CA SER A 874 17.47 -0.08 23.71
C SER A 874 18.53 -1.07 24.14
N MET A 875 18.55 -2.24 23.53
CA MET A 875 19.60 -3.21 23.80
C MET A 875 20.05 -3.84 22.48
N VAL A 876 21.33 -4.21 22.42
CA VAL A 876 21.89 -4.86 21.25
C VAL A 876 22.95 -5.85 21.73
N GLU A 877 23.00 -7.00 21.10
CA GLU A 877 24.13 -7.91 21.31
C GLU A 877 25.35 -7.30 20.67
N PHE A 878 26.48 -7.39 21.37
CA PHE A 878 27.66 -6.67 20.97
C PHE A 878 28.87 -7.54 21.30
N ASN A 879 29.35 -8.25 20.29
CA ASN A 879 30.56 -9.07 20.41
C ASN A 879 30.51 -9.99 21.64
N GLY A 880 29.36 -10.64 21.86
CA GLY A 880 29.17 -11.56 22.97
C GLY A 880 28.83 -10.88 24.30
N LYS A 881 28.67 -9.57 24.29
CA LYS A 881 28.31 -8.77 25.44
C LYS A 881 26.96 -8.09 25.17
N LEU A 882 26.36 -7.55 26.22
CA LEU A 882 25.05 -6.89 26.10
C LEU A 882 25.24 -5.39 26.23
N LEU A 883 24.86 -4.66 25.15
CA LEU A 883 24.90 -3.22 25.17
C LEU A 883 23.50 -2.71 25.41
N ALA A 884 23.36 -1.80 26.36
CA ALA A 884 22.07 -1.26 26.75
C ALA A 884 22.14 0.24 26.94
N SER A 885 21.04 0.93 26.62
CA SER A 885 20.91 2.34 26.89
C SER A 885 19.91 2.52 28.02
N ILE A 886 20.32 3.29 29.03
CA ILE A 886 19.57 3.46 30.27
C ILE A 886 19.55 4.94 30.58
N ASN A 887 18.39 5.56 30.36
CA ASN A 887 18.28 7.01 30.46
C ASN A 887 19.39 7.66 29.62
N SER A 888 20.32 8.36 30.28
CA SER A 888 21.31 9.17 29.60
C SER A 888 22.64 8.43 29.47
N THR A 889 22.61 7.09 29.66
N THR A 889 22.64 7.13 29.77
CA THR A 889 23.83 6.28 29.79
CA THR A 889 23.87 6.35 29.73
C THR A 889 23.80 5.09 28.83
C THR A 889 23.75 5.28 28.65
N VAL A 890 24.92 4.88 28.15
CA VAL A 890 25.09 3.69 27.35
C VAL A 890 26.07 2.78 28.10
N ARG A 891 25.65 1.54 28.33
CA ARG A 891 26.37 0.63 29.21
C ARG A 891 26.62 -0.70 28.52
N LEU A 892 27.83 -1.21 28.71
CA LEU A 892 28.17 -2.50 28.19
C LEU A 892 28.29 -3.47 29.36
N TYR A 893 27.57 -4.58 29.26
CA TYR A 893 27.53 -5.63 30.26
C TYR A 893 28.19 -6.89 29.73
N GLU A 894 28.89 -7.59 30.63
CA GLU A 894 29.39 -8.92 30.35
C GLU A 894 28.52 -9.92 31.07
N TRP A 895 28.43 -11.11 30.49
CA TRP A 895 27.70 -12.23 31.05
C TRP A 895 28.73 -13.12 31.73
N THR A 896 28.66 -13.21 33.07
CA THR A 896 29.69 -13.89 33.84
C THR A 896 29.37 -15.38 33.90
N THR A 897 30.32 -16.14 34.45
CA THR A 897 30.22 -17.60 34.53
C THR A 897 29.09 -17.99 35.47
N GLU A 898 28.74 -17.10 36.40
CA GLU A 898 27.65 -17.32 37.33
C GLU A 898 26.32 -16.81 36.75
N LYS A 899 26.30 -16.52 35.45
CA LYS A 899 25.05 -16.16 34.76
C LYS A 899 24.42 -14.92 35.41
N GLU A 900 25.21 -13.85 35.50
CA GLU A 900 24.71 -12.54 35.83
C GLU A 900 25.36 -11.52 34.90
N LEU A 901 24.71 -10.38 34.73
CA LEU A 901 25.27 -9.28 33.99
C LEU A 901 26.12 -8.41 34.90
N ARG A 902 27.28 -8.01 34.38
CA ARG A 902 28.23 -7.18 35.08
C ARG A 902 28.72 -6.06 34.17
N THR A 903 28.60 -4.83 34.65
CA THR A 903 29.00 -3.63 33.92
C THR A 903 30.50 -3.70 33.58
N GLU A 904 30.84 -3.51 32.29
CA GLU A 904 32.23 -3.34 31.86
C GLU A 904 32.57 -1.87 31.77
N CYS A 905 31.72 -1.07 31.07
CA CYS A 905 32.04 0.32 30.85
C CYS A 905 30.76 1.10 30.57
N ASN A 906 30.85 2.40 30.74
CA ASN A 906 29.71 3.30 30.62
C ASN A 906 30.09 4.51 29.80
N HIS A 907 29.08 5.09 29.11
CA HIS A 907 29.19 6.36 28.44
C HIS A 907 28.05 7.23 28.93
N TYR A 908 28.36 8.50 29.26
CA TYR A 908 27.45 9.37 30.01
C TYR A 908 26.97 10.57 29.20
N ASN A 909 27.61 10.86 28.06
CA ASN A 909 27.40 12.14 27.41
C ASN A 909 26.20 12.06 26.46
N ASN A 910 25.01 11.94 27.04
CA ASN A 910 23.77 11.86 26.30
C ASN A 910 22.71 12.65 27.08
N ILE A 911 21.60 12.99 26.41
CA ILE A 911 20.43 13.49 27.10
C ILE A 911 19.50 12.32 27.43
N MET A 912 19.19 11.52 26.40
CA MET A 912 18.37 10.34 26.56
C MET A 912 18.66 9.43 25.37
N ALA A 913 19.36 8.33 25.65
CA ALA A 913 19.89 7.47 24.61
C ALA A 913 18.82 6.44 24.24
N LEU A 914 18.05 6.76 23.19
CA LEU A 914 16.84 6.00 22.87
C LEU A 914 17.12 4.83 21.93
N TYR A 915 18.10 4.99 21.04
CA TYR A 915 18.29 4.08 19.93
C TYR A 915 19.75 3.66 19.84
N LEU A 916 19.98 2.36 19.65
CA LEU A 916 21.31 1.80 19.47
C LEU A 916 21.33 0.91 18.21
N LYS A 917 22.46 0.97 17.47
CA LYS A 917 22.85 0.00 16.48
C LYS A 917 24.36 -0.15 16.58
N THR A 918 24.86 -1.29 16.15
CA THR A 918 26.29 -1.55 16.18
C THR A 918 26.77 -2.20 14.89
N LYS A 919 28.08 -2.06 14.67
CA LYS A 919 28.77 -2.76 13.60
C LYS A 919 30.23 -2.87 14.02
N GLY A 920 30.73 -4.10 14.07
CA GLY A 920 32.06 -4.33 14.63
C GLY A 920 32.16 -3.76 16.05
N ASP A 921 33.17 -2.93 16.28
CA ASP A 921 33.39 -2.31 17.57
C ASP A 921 32.71 -0.95 17.66
N PHE A 922 31.90 -0.62 16.64
CA PHE A 922 31.32 0.72 16.54
C PHE A 922 29.85 0.67 16.97
N ILE A 923 29.43 1.73 17.63
CA ILE A 923 28.07 1.90 18.15
C ILE A 923 27.53 3.24 17.69
N LEU A 924 26.31 3.21 17.11
CA LEU A 924 25.60 4.42 16.75
C LEU A 924 24.48 4.63 17.78
N VAL A 925 24.49 5.79 18.39
CA VAL A 925 23.55 6.16 19.44
C VAL A 925 22.66 7.25 18.91
N GLY A 926 21.32 7.02 19.04
CA GLY A 926 20.35 8.02 18.68
C GLY A 926 19.74 8.65 19.92
N ASP A 927 19.80 9.97 19.97
CA ASP A 927 19.40 10.72 21.15
C ASP A 927 18.01 11.29 20.98
N LEU A 928 17.31 11.48 22.10
CA LEU A 928 16.04 12.18 22.10
C LEU A 928 16.11 13.47 21.30
N MET A 929 17.14 14.30 21.51
CA MET A 929 17.14 15.65 20.93
C MET A 929 18.48 16.06 20.35
N ARG A 930 19.56 15.31 20.60
CA ARG A 930 20.88 15.71 20.14
C ARG A 930 21.39 14.80 19.02
N SER A 931 20.51 14.41 18.11
CA SER A 931 20.91 13.69 16.90
C SER A 931 21.63 12.37 17.25
N VAL A 932 22.75 12.12 16.57
CA VAL A 932 23.42 10.84 16.67
C VAL A 932 24.85 11.05 17.11
N LEU A 933 25.41 9.99 17.67
CA LEU A 933 26.78 9.94 18.16
C LEU A 933 27.41 8.59 17.82
N LEU A 934 28.71 8.59 17.54
CA LEU A 934 29.44 7.39 17.23
C LEU A 934 30.42 7.10 18.36
N LEU A 935 30.26 5.94 18.98
CA LEU A 935 31.17 5.40 19.99
C LEU A 935 31.99 4.30 19.35
N ALA A 936 33.17 4.05 19.94
CA ALA A 936 33.88 2.84 19.68
C ALA A 936 34.22 2.20 21.01
N TYR A 937 34.09 0.89 21.03
CA TYR A 937 34.60 0.11 22.11
C TYR A 937 36.10 -0.06 21.83
N LYS A 938 36.91 0.05 22.88
CA LYS A 938 38.37 -0.03 22.72
C LYS A 938 38.86 -1.30 23.41
N PRO A 939 39.08 -2.40 22.64
CA PRO A 939 39.24 -3.74 23.22
C PRO A 939 40.46 -3.86 24.14
N MET A 940 41.45 -2.97 23.95
CA MET A 940 42.69 -3.01 24.72
C MET A 940 42.68 -1.95 25.82
N GLU A 941 41.54 -1.25 26.01
CA GLU A 941 41.38 -0.34 27.15
C GLU A 941 40.14 -0.72 27.97
N GLY A 942 39.21 -1.45 27.35
CA GLY A 942 38.04 -1.99 28.04
C GLY A 942 37.03 -0.88 28.34
N ASN A 943 37.04 0.16 27.50
CA ASN A 943 36.16 1.28 27.68
C ASN A 943 35.69 1.82 26.32
N PHE A 944 34.84 2.84 26.36
CA PHE A 944 34.35 3.48 25.15
C PHE A 944 35.16 4.72 24.88
N GLU A 945 35.39 5.00 23.59
CA GLU A 945 35.81 6.32 23.12
C GLU A 945 34.68 6.95 22.30
N GLU A 946 34.36 8.21 22.58
CA GLU A 946 33.44 8.97 21.75
C GLU A 946 34.20 9.47 20.52
N ILE A 947 33.85 8.94 19.33
CA ILE A 947 34.59 9.22 18.11
C ILE A 947 34.12 10.54 17.52
N ALA A 948 32.80 10.69 17.34
CA ALA A 948 32.28 11.90 16.73
C ALA A 948 30.79 12.00 17.02
N ARG A 949 30.26 13.23 16.99
CA ARG A 949 28.83 13.42 17.14
C ARG A 949 28.34 14.43 16.12
N ASP A 950 27.04 14.36 15.85
CA ASP A 950 26.38 15.33 15.02
C ASP A 950 25.91 16.43 15.95
N PHE A 951 26.49 17.62 15.78
CA PHE A 951 26.23 18.73 16.67
C PHE A 951 24.97 19.49 16.27
N ASN A 952 24.36 19.14 15.12
CA ASN A 952 23.05 19.68 14.75
C ASN A 952 21.99 18.99 15.58
N PRO A 953 21.14 19.73 16.32
CA PRO A 953 20.08 19.11 17.12
C PRO A 953 19.07 18.44 16.20
N ASN A 954 18.71 17.18 16.50
CA ASN A 954 17.58 16.56 15.82
C ASN A 954 16.85 15.67 16.81
N TRP A 955 15.52 15.68 16.72
CA TRP A 955 14.67 14.80 17.51
C TRP A 955 14.52 13.44 16.82
N MET A 956 15.27 12.44 17.27
CA MET A 956 15.42 11.21 16.52
C MET A 956 14.23 10.27 16.75
N SER A 957 13.92 9.48 15.71
CA SER A 957 12.95 8.40 15.82
C SER A 957 13.54 7.01 15.56
N ALA A 958 14.65 6.95 14.79
CA ALA A 958 15.29 5.69 14.44
C ALA A 958 16.65 5.97 13.83
N VAL A 959 17.55 4.99 13.94
CA VAL A 959 18.89 5.10 13.38
C VAL A 959 19.29 3.78 12.76
N GLU A 960 20.29 3.84 11.85
CA GLU A 960 20.85 2.64 11.26
C GLU A 960 22.28 2.92 10.83
N ILE A 961 23.15 1.93 10.94
CA ILE A 961 24.47 1.98 10.32
C ILE A 961 24.43 1.38 8.91
N LEU A 962 24.74 2.20 7.92
CA LEU A 962 24.69 1.78 6.53
C LEU A 962 25.96 1.02 6.20
N ASP A 963 27.06 1.52 6.74
CA ASP A 963 28.37 0.93 6.59
C ASP A 963 29.29 1.66 7.57
N ASP A 964 30.58 1.33 7.57
CA ASP A 964 31.47 1.80 8.62
C ASP A 964 31.54 3.33 8.66
N ASP A 965 31.24 3.99 7.54
CA ASP A 965 31.47 5.41 7.42
C ASP A 965 30.17 6.21 7.28
N ASN A 966 29.02 5.53 7.21
CA ASN A 966 27.76 6.24 6.89
C ASN A 966 26.66 5.83 7.87
N PHE A 967 26.01 6.83 8.44
CA PHE A 967 25.04 6.66 9.52
C PHE A 967 23.74 7.31 9.10
N LEU A 968 22.66 6.52 9.14
CA LEU A 968 21.36 6.99 8.70
C LEU A 968 20.51 7.32 9.92
N GLY A 969 19.82 8.45 9.84
CA GLY A 969 18.94 8.90 10.89
C GLY A 969 17.56 9.27 10.32
N ALA A 970 16.53 8.99 11.11
CA ALA A 970 15.19 9.48 10.84
C ALA A 970 14.76 10.35 12.01
N GLU A 971 14.02 11.42 11.74
CA GLU A 971 13.64 12.31 12.81
C GLU A 971 12.15 12.62 12.76
N ASN A 972 11.71 13.31 13.79
CA ASN A 972 10.29 13.39 14.11
C ASN A 972 9.53 14.24 13.11
N ALA A 973 10.20 15.09 12.32
CA ALA A 973 9.51 15.91 11.35
C ALA A 973 9.58 15.28 9.94
N PHE A 974 9.76 13.95 9.88
CA PHE A 974 9.56 13.15 8.68
C PHE A 974 10.70 13.33 7.68
N ASN A 975 11.91 13.60 8.20
CA ASN A 975 13.13 13.68 7.38
C ASN A 975 14.09 12.54 7.67
N LEU A 976 14.86 12.19 6.63
CA LEU A 976 16.04 11.35 6.74
C LEU A 976 17.28 12.24 6.65
N PHE A 977 18.35 11.81 7.30
CA PHE A 977 19.64 12.40 7.02
C PHE A 977 20.71 11.33 7.16
N VAL A 978 21.87 11.61 6.54
CA VAL A 978 23.02 10.72 6.61
C VAL A 978 24.21 11.54 7.08
N CYS A 979 24.89 11.00 8.11
CA CYS A 979 26.09 11.58 8.65
C CYS A 979 27.29 10.72 8.27
N GLN A 980 28.43 11.43 8.09
CA GLN A 980 29.75 10.81 7.92
C GLN A 980 30.78 11.52 8.79
N LYS A 981 31.88 10.84 9.08
CA LYS A 981 33.06 11.53 9.61
C LYS A 981 33.54 12.58 8.59
N ASP A 982 34.12 13.68 9.09
CA ASP A 982 34.70 14.70 8.22
C ASP A 982 36.15 14.32 7.92
N SER A 983 36.42 13.79 6.72
CA SER A 983 37.78 13.45 6.33
C SER A 983 38.26 14.42 5.24
N THR A 987 42.45 18.63 12.65
CA THR A 987 42.33 18.86 14.11
C THR A 987 41.85 17.57 14.78
N ASP A 988 41.72 17.61 16.11
CA ASP A 988 41.09 16.54 16.86
C ASP A 988 39.64 16.96 17.19
N GLU A 989 39.47 18.23 17.60
CA GLU A 989 38.15 18.79 17.82
C GLU A 989 37.35 18.71 16.52
N GLU A 990 38.04 18.79 15.38
CA GLU A 990 37.42 18.69 14.06
C GLU A 990 36.94 17.25 13.81
N ARG A 991 37.79 16.26 14.09
CA ARG A 991 37.47 14.86 13.80
C ARG A 991 36.19 14.46 14.55
N GLN A 992 35.85 15.18 15.62
CA GLN A 992 34.73 14.81 16.47
C GLN A 992 33.40 15.37 15.97
N HIS A 993 33.41 16.06 14.82
CA HIS A 993 32.19 16.63 14.23
C HIS A 993 31.70 15.72 13.11
N LEU A 994 30.56 15.02 13.31
CA LEU A 994 29.95 14.32 12.19
C LEU A 994 29.37 15.36 11.25
N GLN A 995 29.43 15.08 9.94
CA GLN A 995 28.85 15.96 8.93
C GLN A 995 27.56 15.35 8.41
N GLU A 996 26.52 16.16 8.34
CA GLU A 996 25.31 15.77 7.62
C GLU A 996 25.54 15.96 6.12
N VAL A 997 25.79 14.87 5.42
CA VAL A 997 26.09 14.89 4.01
C VAL A 997 24.88 14.50 3.17
N GLY A 998 23.85 13.88 3.78
CA GLY A 998 22.63 13.56 3.06
C GLY A 998 21.40 14.07 3.82
N LEU A 999 20.47 14.67 3.08
CA LEU A 999 19.26 15.26 3.66
C LEU A 999 18.08 14.96 2.73
N PHE A 1000 16.91 14.58 3.29
CA PHE A 1000 15.77 14.28 2.46
C PHE A 1000 14.49 14.31 3.27
N HIS A 1001 13.47 15.02 2.77
CA HIS A 1001 12.13 14.92 3.37
C HIS A 1001 11.40 13.69 2.82
N LEU A 1002 11.21 12.68 3.68
CA LEU A 1002 10.58 11.43 3.32
C LEU A 1002 9.05 11.59 3.36
N GLY A 1003 8.54 12.28 4.39
CA GLY A 1003 7.11 12.50 4.55
C GLY A 1003 6.41 11.36 5.29
N GLU A 1004 7.19 10.49 5.91
CA GLU A 1004 6.70 9.44 6.78
C GLU A 1004 7.52 9.47 8.08
N PHE A 1005 6.94 8.87 9.12
CA PHE A 1005 7.55 8.75 10.44
C PHE A 1005 8.11 7.35 10.60
N VAL A 1006 9.46 7.23 10.64
CA VAL A 1006 10.11 5.95 10.67
C VAL A 1006 10.23 5.46 12.10
N ASN A 1007 9.66 4.28 12.37
CA ASN A 1007 9.79 3.66 13.68
C ASN A 1007 10.96 2.67 13.75
N VAL A 1008 11.35 2.08 12.62
CA VAL A 1008 12.29 0.98 12.62
C VAL A 1008 13.02 0.89 11.30
N PHE A 1009 14.32 0.66 11.39
CA PHE A 1009 15.17 0.30 10.28
C PHE A 1009 15.71 -1.12 10.53
N CYS A 1010 15.79 -1.93 9.48
N CYS A 1010 15.73 -1.92 9.45
CA CYS A 1010 16.39 -3.26 9.62
CA CYS A 1010 16.23 -3.30 9.46
C CYS A 1010 16.99 -3.74 8.30
C CYS A 1010 17.09 -3.54 8.22
N HIS A 1011 18.24 -4.19 8.37
CA HIS A 1011 18.94 -4.67 7.21
C HIS A 1011 18.21 -5.91 6.70
N GLY A 1012 18.02 -5.96 5.39
CA GLY A 1012 17.39 -7.10 4.76
C GLY A 1012 16.69 -6.73 3.46
N SER A 1013 16.09 -7.75 2.87
CA SER A 1013 15.47 -7.67 1.58
C SER A 1013 14.36 -8.72 1.47
N LEU A 1014 13.29 -8.39 0.73
CA LEU A 1014 12.24 -9.32 0.40
C LEU A 1014 12.51 -9.99 -0.97
N VAL A 1015 13.59 -9.59 -1.65
CA VAL A 1015 13.95 -10.15 -2.95
C VAL A 1015 14.93 -11.31 -2.75
N MET A 1016 14.76 -12.37 -3.56
CA MET A 1016 15.54 -13.60 -3.42
C MET A 1016 17.02 -13.27 -3.50
N GLN A 1017 17.79 -13.85 -2.55
CA GLN A 1017 19.21 -13.61 -2.41
C GLN A 1017 19.98 -14.79 -3.03
N THR A 1024 25.62 -4.28 -9.42
CA THR A 1024 24.28 -3.65 -9.58
C THR A 1024 24.42 -2.14 -9.43
N PRO A 1025 23.40 -1.36 -9.82
CA PRO A 1025 23.39 0.06 -9.51
C PRO A 1025 23.43 0.38 -8.00
N THR A 1026 23.10 -0.62 -7.14
CA THR A 1026 22.86 -0.35 -5.72
C THR A 1026 23.59 -1.37 -4.83
N GLN A 1027 23.98 -0.90 -3.64
CA GLN A 1027 24.76 -1.65 -2.67
C GLN A 1027 24.07 -1.55 -1.30
N GLY A 1028 23.80 -2.70 -0.70
CA GLY A 1028 23.15 -2.76 0.60
C GLY A 1028 21.63 -2.68 0.48
N SER A 1029 20.96 -3.04 1.58
CA SER A 1029 19.50 -3.01 1.61
C SER A 1029 19.04 -2.78 3.05
N VAL A 1030 18.40 -1.64 3.28
CA VAL A 1030 17.85 -1.30 4.58
C VAL A 1030 16.36 -1.07 4.39
N LEU A 1031 15.54 -1.87 5.04
CA LEU A 1031 14.10 -1.69 5.02
C LEU A 1031 13.68 -0.79 6.19
N PHE A 1032 12.54 -0.11 6.04
CA PHE A 1032 12.06 0.68 7.14
C PHE A 1032 10.54 0.62 7.17
N GLY A 1033 10.02 0.71 8.39
CA GLY A 1033 8.61 0.65 8.66
C GLY A 1033 8.14 1.92 9.35
N THR A 1034 6.92 2.35 9.02
CA THR A 1034 6.43 3.67 9.39
C THR A 1034 5.06 3.61 10.06
N VAL A 1035 4.70 4.75 10.63
CA VAL A 1035 3.43 4.89 11.32
C VAL A 1035 2.26 4.68 10.39
N ASN A 1036 2.38 5.13 9.14
CA ASN A 1036 1.27 4.99 8.21
C ASN A 1036 1.21 3.62 7.51
N GLY A 1037 2.15 2.70 7.87
CA GLY A 1037 2.19 1.37 7.28
C GLY A 1037 2.98 1.30 5.99
N MET A 1038 3.57 2.39 5.58
CA MET A 1038 4.49 2.41 4.47
C MET A 1038 5.75 1.63 4.83
N ILE A 1039 6.19 0.79 3.90
CA ILE A 1039 7.52 0.18 4.00
C ILE A 1039 8.39 0.76 2.89
N GLY A 1040 9.60 1.17 3.29
CA GLY A 1040 10.56 1.72 2.35
C GLY A 1040 11.88 0.98 2.37
N LEU A 1041 12.70 1.29 1.37
CA LEU A 1041 14.03 0.71 1.21
C LEU A 1041 15.03 1.83 0.99
N VAL A 1042 16.19 1.72 1.65
CA VAL A 1042 17.32 2.62 1.39
C VAL A 1042 18.48 1.76 0.92
N THR A 1043 19.11 2.20 -0.17
CA THR A 1043 20.32 1.53 -0.64
C THR A 1043 21.35 2.59 -1.06
N SER A 1044 22.60 2.16 -1.26
CA SER A 1044 23.65 3.06 -1.63
C SER A 1044 23.94 2.99 -3.14
N LEU A 1045 24.46 4.12 -3.65
CA LEU A 1045 24.78 4.33 -5.06
C LEU A 1045 26.25 4.77 -5.17
N SER A 1046 26.85 4.54 -6.35
CA SER A 1046 28.14 5.18 -6.66
C SER A 1046 27.89 6.63 -7.04
N GLU A 1047 28.97 7.40 -7.03
CA GLU A 1047 28.90 8.80 -7.45
C GLU A 1047 28.35 8.86 -8.87
N SER A 1048 28.77 7.91 -9.71
CA SER A 1048 28.41 7.93 -11.12
C SER A 1048 26.91 7.71 -11.31
N TRP A 1049 26.36 6.76 -10.54
CA TRP A 1049 24.94 6.45 -10.62
C TRP A 1049 24.12 7.59 -10.03
N TYR A 1050 24.60 8.16 -8.93
CA TYR A 1050 23.96 9.28 -8.27
C TYR A 1050 23.84 10.44 -9.26
N ASN A 1051 24.95 10.77 -9.93
CA ASN A 1051 24.97 11.89 -10.87
C ASN A 1051 23.98 11.68 -12.02
N LEU A 1052 23.93 10.46 -12.57
CA LEU A 1052 23.03 10.13 -13.65
C LEU A 1052 21.58 10.28 -13.19
N LEU A 1053 21.26 9.70 -12.02
CA LEU A 1053 19.88 9.72 -11.55
C LEU A 1053 19.43 11.11 -11.14
N LEU A 1054 20.33 11.91 -10.56
CA LEU A 1054 20.00 13.29 -10.18
C LEU A 1054 19.66 14.07 -11.44
N ASP A 1055 20.46 13.86 -12.49
CA ASP A 1055 20.18 14.51 -13.77
C ASP A 1055 18.82 14.05 -14.32
N MET A 1056 18.51 12.74 -14.22
CA MET A 1056 17.20 12.25 -14.63
C MET A 1056 16.10 12.94 -13.84
N GLN A 1057 16.24 13.04 -12.51
CA GLN A 1057 15.20 13.68 -11.71
C GLN A 1057 14.91 15.10 -12.21
N ASN A 1058 15.99 15.83 -12.43
CA ASN A 1058 15.86 17.23 -12.83
C ASN A 1058 15.09 17.32 -14.14
N ARG A 1059 15.36 16.37 -15.05
CA ARG A 1059 14.68 16.33 -16.35
C ARG A 1059 13.23 15.86 -16.19
N LEU A 1060 12.99 14.85 -15.33
CA LEU A 1060 11.64 14.40 -15.07
C LEU A 1060 10.80 15.53 -14.47
N ASN A 1061 11.38 16.30 -13.57
CA ASN A 1061 10.65 17.35 -12.87
C ASN A 1061 10.23 18.45 -13.83
N LYS A 1062 10.91 18.58 -14.98
CA LYS A 1062 10.51 19.57 -15.97
C LYS A 1062 9.31 19.08 -16.80
N VAL A 1063 9.18 17.78 -16.99
CA VAL A 1063 8.18 17.25 -17.92
C VAL A 1063 6.91 16.77 -17.21
N ILE A 1064 7.02 16.23 -15.99
CA ILE A 1064 5.86 15.73 -15.26
C ILE A 1064 5.05 16.92 -14.72
N LYS A 1065 3.74 16.95 -15.00
CA LYS A 1065 2.83 17.88 -14.34
C LYS A 1065 2.45 17.34 -12.95
N SER A 1066 2.76 18.11 -11.89
CA SER A 1066 2.45 17.67 -10.54
C SER A 1066 1.05 18.13 -10.18
N VAL A 1067 0.34 17.30 -9.40
CA VAL A 1067 -0.98 17.67 -8.89
C VAL A 1067 -0.83 18.81 -7.91
N GLY A 1068 -1.58 19.90 -8.11
CA GLY A 1068 -1.44 21.07 -7.27
C GLY A 1068 -0.23 21.91 -7.60
N LYS A 1069 0.50 21.52 -8.67
CA LYS A 1069 1.64 22.28 -9.17
C LYS A 1069 2.68 22.50 -8.07
N ILE A 1070 2.89 21.48 -7.23
CA ILE A 1070 3.93 21.55 -6.24
C ILE A 1070 5.26 21.08 -6.86
N GLU A 1071 6.34 21.77 -6.59
CA GLU A 1071 7.66 21.39 -7.09
C GLU A 1071 8.18 20.20 -6.30
N HIS A 1072 8.72 19.21 -7.03
CA HIS A 1072 9.35 18.05 -6.40
C HIS A 1072 10.49 18.48 -5.47
N SER A 1073 11.30 19.46 -5.88
N SER A 1073 11.29 19.45 -5.91
CA SER A 1073 12.42 19.91 -5.06
CA SER A 1073 12.40 19.96 -5.14
C SER A 1073 11.92 20.54 -3.77
C SER A 1073 11.92 20.53 -3.79
N PHE A 1074 10.75 21.19 -3.80
CA PHE A 1074 10.20 21.78 -2.58
C PHE A 1074 9.77 20.68 -1.62
N TRP A 1075 9.04 19.72 -2.17
CA TRP A 1075 8.55 18.58 -1.41
C TRP A 1075 9.66 17.82 -0.70
N ARG A 1076 10.73 17.54 -1.40
CA ARG A 1076 11.79 16.72 -0.83
C ARG A 1076 12.80 17.49 0.02
N SER A 1077 12.68 18.84 0.07
CA SER A 1077 13.56 19.66 0.88
C SER A 1077 13.44 19.25 2.35
N PHE A 1078 14.58 19.06 2.98
CA PHE A 1078 14.65 18.82 4.42
C PHE A 1078 13.98 19.98 5.12
N HIS A 1079 13.09 19.66 6.06
CA HIS A 1079 12.27 20.69 6.69
C HIS A 1079 11.98 20.34 8.15
N THR A 1080 12.50 21.18 9.06
CA THR A 1080 12.14 21.18 10.47
C THR A 1080 11.83 22.61 10.89
N GLU A 1081 11.39 22.78 12.14
CA GLU A 1081 11.17 24.13 12.65
C GLU A 1081 12.47 24.95 12.61
N ARG A 1082 13.61 24.26 12.74
CA ARG A 1082 14.92 24.90 12.85
C ARG A 1082 15.54 25.18 11.48
N LYS A 1083 15.23 24.38 10.44
CA LYS A 1083 15.80 24.68 9.13
C LYS A 1083 15.07 24.04 7.94
N THR A 1084 15.24 24.69 6.78
CA THR A 1084 14.75 24.19 5.51
C THR A 1084 15.91 24.26 4.54
N GLU A 1085 16.25 23.13 3.91
CA GLU A 1085 17.37 23.03 2.99
C GLU A 1085 16.98 22.10 1.85
N PRO A 1086 17.48 22.31 0.61
CA PRO A 1086 17.25 21.34 -0.47
C PRO A 1086 17.77 19.95 -0.09
N ALA A 1087 17.11 18.91 -0.57
CA ALA A 1087 17.64 17.57 -0.40
C ALA A 1087 19.01 17.45 -1.07
N THR A 1088 19.85 16.61 -0.51
CA THR A 1088 21.12 16.31 -1.10
C THR A 1088 21.50 14.88 -0.74
N GLY A 1089 22.19 14.21 -1.65
CA GLY A 1089 22.73 12.88 -1.42
C GLY A 1089 21.65 11.80 -1.41
N PHE A 1090 20.44 12.14 -1.85
CA PHE A 1090 19.35 11.19 -1.89
C PHE A 1090 18.65 11.26 -3.22
N ILE A 1091 18.48 10.09 -3.85
CA ILE A 1091 17.66 9.93 -5.03
C ILE A 1091 16.29 9.43 -4.60
N ASP A 1092 15.24 10.09 -5.11
CA ASP A 1092 13.87 9.66 -4.95
C ASP A 1092 13.55 8.55 -5.97
N GLY A 1093 13.63 7.28 -5.51
CA GLY A 1093 13.32 6.13 -6.32
C GLY A 1093 11.89 6.11 -6.86
N ASP A 1094 10.93 6.64 -6.09
CA ASP A 1094 9.58 6.71 -6.59
C ASP A 1094 9.52 7.56 -7.88
N LEU A 1095 10.23 8.70 -7.87
CA LEU A 1095 10.28 9.60 -9.03
C LEU A 1095 10.98 8.89 -10.17
N ILE A 1096 12.15 8.30 -9.91
CA ILE A 1096 12.87 7.58 -10.96
C ILE A 1096 12.00 6.50 -11.59
N GLU A 1097 11.34 5.69 -10.78
CA GLU A 1097 10.56 4.57 -11.26
C GLU A 1097 9.43 5.07 -12.14
N SER A 1098 8.97 6.32 -11.89
CA SER A 1098 7.86 6.90 -12.67
C SER A 1098 8.29 7.19 -14.12
N PHE A 1099 9.59 7.17 -14.40
CA PHE A 1099 10.07 7.32 -15.77
C PHE A 1099 9.42 6.30 -16.70
N LEU A 1100 9.17 5.08 -16.18
CA LEU A 1100 8.61 4.00 -16.99
C LEU A 1100 7.17 4.27 -17.40
N ASP A 1101 6.56 5.37 -16.91
CA ASP A 1101 5.14 5.61 -17.17
C ASP A 1101 4.91 6.90 -17.94
N ILE A 1102 5.97 7.62 -18.29
CA ILE A 1102 5.81 8.81 -19.11
C ILE A 1102 5.81 8.37 -20.58
N SER A 1103 5.27 9.25 -21.43
CA SER A 1103 5.15 9.01 -22.85
C SER A 1103 6.53 8.94 -23.51
N ARG A 1104 6.57 8.36 -24.72
CA ARG A 1104 7.83 8.12 -25.41
C ARG A 1104 8.49 9.44 -25.78
N PRO A 1105 7.72 10.49 -26.19
CA PRO A 1105 8.30 11.81 -26.45
C PRO A 1105 8.91 12.42 -25.18
N LYS A 1106 8.25 12.21 -24.05
CA LYS A 1106 8.75 12.65 -22.76
C LYS A 1106 10.06 11.91 -22.42
N MET A 1107 10.15 10.63 -22.78
CA MET A 1107 11.35 9.86 -22.52
C MET A 1107 12.50 10.47 -23.32
N GLN A 1108 12.19 10.97 -24.53
CA GLN A 1108 13.18 11.57 -25.42
C GLN A 1108 13.64 12.90 -24.83
N GLU A 1109 12.66 13.67 -24.38
CA GLU A 1109 12.93 14.90 -23.67
C GLU A 1109 13.86 14.61 -22.50
N VAL A 1110 13.57 13.56 -21.74
CA VAL A 1110 14.33 13.27 -20.54
C VAL A 1110 15.76 12.87 -20.91
N VAL A 1111 15.92 12.10 -21.98
CA VAL A 1111 17.21 11.44 -22.26
C VAL A 1111 18.20 12.41 -22.92
N ALA A 1112 17.69 13.39 -23.66
CA ALA A 1112 18.52 14.22 -24.51
C ALA A 1112 19.86 14.55 -23.82
N ASN A 1113 20.97 14.26 -24.51
CA ASN A 1113 22.27 14.83 -24.20
C ASN A 1113 22.73 14.42 -22.78
N LEU A 1114 22.30 13.23 -22.34
CA LEU A 1114 22.80 12.63 -21.10
C LEU A 1114 24.03 11.79 -21.42
N GLN A 1115 24.86 11.51 -20.39
CA GLN A 1115 25.98 10.61 -20.55
C GLN A 1115 25.71 9.30 -19.81
N TYR A 1116 25.89 8.18 -20.52
CA TYR A 1116 25.64 6.86 -19.97
C TYR A 1116 26.76 5.90 -20.40
N ASP A 1117 27.10 4.97 -19.49
CA ASP A 1117 28.21 4.05 -19.66
C ASP A 1117 27.65 2.62 -19.78
N ASP A 1118 27.76 2.02 -20.98
CA ASP A 1118 27.20 0.71 -21.26
C ASP A 1118 28.12 -0.37 -20.67
N GLY A 1121 32.32 0.28 -21.17
CA GLY A 1121 32.45 1.06 -22.42
C GLY A 1121 32.99 2.47 -22.16
N MET A 1122 32.39 3.46 -22.84
CA MET A 1122 32.79 4.86 -22.71
C MET A 1122 31.55 5.74 -22.66
N LYS A 1123 31.68 6.89 -21.99
CA LYS A 1123 30.54 7.77 -21.69
C LYS A 1123 30.04 8.43 -22.97
N ARG A 1124 28.86 8.01 -23.45
CA ARG A 1124 28.26 8.54 -24.67
C ARG A 1124 26.77 8.80 -24.42
N GLU A 1125 26.07 9.28 -25.45
CA GLU A 1125 24.69 9.74 -25.32
C GLU A 1125 23.78 8.56 -24.95
N ALA A 1126 22.86 8.83 -24.01
CA ALA A 1126 21.90 7.83 -23.56
C ALA A 1126 20.66 7.87 -24.45
N THR A 1127 20.04 6.69 -24.62
CA THR A 1127 18.76 6.56 -25.31
C THR A 1127 17.68 6.21 -24.29
N ALA A 1128 16.42 6.39 -24.69
CA ALA A 1128 15.28 5.98 -23.88
C ALA A 1128 15.45 4.54 -23.45
N ASP A 1129 15.88 3.71 -24.39
CA ASP A 1129 15.94 2.27 -24.19
C ASP A 1129 17.02 1.94 -23.16
N ASP A 1130 18.11 2.72 -23.13
CA ASP A 1130 19.12 2.56 -22.10
C ASP A 1130 18.47 2.77 -20.73
N LEU A 1131 17.75 3.88 -20.57
CA LEU A 1131 17.19 4.29 -19.29
C LEU A 1131 16.06 3.35 -18.87
N ILE A 1132 15.27 2.86 -19.84
CA ILE A 1132 14.23 1.88 -19.51
C ILE A 1132 14.89 0.68 -18.84
N LYS A 1133 16.05 0.27 -19.36
CA LYS A 1133 16.77 -0.88 -18.83
C LYS A 1133 17.29 -0.56 -17.42
N VAL A 1134 17.86 0.64 -17.26
CA VAL A 1134 18.41 1.07 -15.98
C VAL A 1134 17.31 1.04 -14.91
N VAL A 1135 16.16 1.64 -15.21
CA VAL A 1135 15.11 1.78 -14.22
C VAL A 1135 14.49 0.41 -13.91
N GLU A 1136 14.53 -0.51 -14.88
CA GLU A 1136 14.25 -1.93 -14.61
C GLU A 1136 15.24 -2.56 -13.62
N GLU A 1137 16.56 -2.41 -13.81
CA GLU A 1137 17.52 -2.85 -12.80
C GLU A 1137 17.11 -2.33 -11.41
N LEU A 1138 16.65 -1.07 -11.33
CA LEU A 1138 16.36 -0.45 -10.04
C LEU A 1138 15.07 -0.98 -9.42
N THR A 1139 14.06 -1.29 -10.23
CA THR A 1139 12.78 -1.76 -9.71
C THR A 1139 12.93 -3.11 -9.00
N ARG A 1140 13.94 -3.92 -9.35
CA ARG A 1140 13.96 -5.29 -8.84
C ARG A 1140 14.73 -5.36 -7.50
N ILE A 1141 15.09 -4.21 -6.91
CA ILE A 1141 15.72 -4.23 -5.61
C ILE A 1141 14.65 -4.34 -4.53
N HIS A 1142 13.38 -4.24 -4.92
CA HIS A 1142 12.27 -4.47 -3.99
C HIS A 1142 11.17 -5.27 -4.70
#